data_6AQJ
#
_entry.id   6AQJ
#
_cell.length_a   64.092
_cell.length_b   80.732
_cell.length_c   66.639
_cell.angle_alpha   90.00
_cell.angle_beta   92.58
_cell.angle_gamma   90.00
#
_symmetry.space_group_name_H-M   'P 1 21 1'
#
loop_
_entity.id
_entity.type
_entity.pdbx_description
1 polymer 'Ketol-acid reductoisomerase (NADP(+))'
2 non-polymer 'MAGNESIUM ION'
3 non-polymer 'oxo(propan-2-ylamino)acetic acid'
4 non-polymer GLYCEROL
5 non-polymer 'NADPH DIHYDRO-NICOTINAMIDE-ADENINE-DINUCLEOTIDE PHOSPHATE'
6 non-polymer 'N-HYDROXY-N-ISOPROPYLOXAMIC ACID'
7 non-polymer 1,2-ETHANEDIOL
8 water water
#
_entity_poly.entity_id   1
_entity_poly.type   'polypeptide(L)'
_entity_poly.pdbx_seq_one_letter_code
;TTVYYDQDVKTDALQGKKIAVVGYGSQGHAHAQNLKDNGYDVVIGIRPGRSFDKAKEDGFDVFPVAEAVKQADVIMVLLP
DEIQGDVYKNEIEPNLEKHNALAFAHGFNIHFGVIQPPADVDVFLVAPKGPGHLVRRTFVEGSAVPSLFGIQQDASGQAR
NIALSYAKGIGATRAGVIETTFKEETETDLFGEQAVLCGGVSKLIQSGFETLVEAGYQPELAYFEVLHEMKLIVDLMYEG
GMENVRYSISNTAEFGDYVSGPRVITPDVKENMKAVLTDIQNGNFSNRFIEDNKNGFKEFYKLREEQHGHQIEKVGRELR
EMMPFIKSKSIEKHHHHHH
;
_entity_poly.pdbx_strand_id   A,B
#
loop_
_chem_comp.id
_chem_comp.type
_chem_comp.name
_chem_comp.formula
40E non-polymer 'oxo(propan-2-ylamino)acetic acid' 'C5 H9 N O3'
EDO non-polymer 1,2-ETHANEDIOL 'C2 H6 O2'
GOL non-polymer GLYCEROL 'C3 H8 O3'
HIO non-polymer 'N-HYDROXY-N-ISOPROPYLOXAMIC ACID' 'C5 H9 N O4'
MG non-polymer 'MAGNESIUM ION' 'Mg 2'
NDP non-polymer 'NADPH DIHYDRO-NICOTINAMIDE-ADENINE-DINUCLEOTIDE PHOSPHATE' 'C21 H30 N7 O17 P3'
#
# COMPACT_ATOMS: atom_id res chain seq x y z
N THR A 1 13.48 -21.99 -6.42
CA THR A 1 12.38 -21.67 -7.35
C THR A 1 12.86 -20.90 -8.58
N THR A 2 12.49 -21.35 -9.76
CA THR A 2 12.86 -20.66 -10.98
C THR A 2 11.91 -19.47 -11.22
N VAL A 3 12.49 -18.29 -11.39
CA VAL A 3 11.73 -17.10 -11.81
C VAL A 3 12.22 -16.73 -13.18
N TYR A 4 11.29 -16.46 -14.09
CA TYR A 4 11.62 -16.14 -15.49
C TYR A 4 11.56 -14.62 -15.72
N TYR A 5 12.62 -14.06 -16.29
CA TYR A 5 12.68 -12.68 -16.69
C TYR A 5 12.80 -12.60 -18.23
N ASP A 6 12.85 -11.38 -18.79
CA ASP A 6 12.74 -11.24 -20.25
C ASP A 6 13.76 -12.13 -20.98
N GLN A 7 15.00 -12.15 -20.48
CA GLN A 7 16.07 -12.89 -21.18
C GLN A 7 15.94 -14.40 -21.04
N ASP A 8 15.10 -14.88 -20.16
CA ASP A 8 14.87 -16.30 -20.02
C ASP A 8 13.85 -16.84 -20.99
N VAL A 9 13.18 -15.96 -21.73
CA VAL A 9 12.21 -16.39 -22.72
C VAL A 9 12.86 -16.16 -24.08
N LYS A 10 13.29 -17.27 -24.69
CA LYS A 10 14.20 -17.18 -25.82
C LYS A 10 13.52 -17.32 -27.16
N THR A 11 12.37 -17.97 -27.25
CA THR A 11 11.65 -18.03 -28.51
C THR A 11 10.30 -17.35 -28.34
N ASP A 12 9.85 -16.68 -29.40
CA ASP A 12 8.55 -16.03 -29.40
C ASP A 12 7.55 -16.99 -30.01
N ALA A 13 6.87 -17.74 -29.16
CA ALA A 13 5.89 -18.73 -29.57
C ALA A 13 4.52 -18.12 -29.80
N LEU A 14 4.40 -16.82 -29.60
CA LEU A 14 3.15 -16.11 -29.83
CA LEU A 14 3.15 -16.10 -29.82
C LEU A 14 3.12 -15.38 -31.15
N GLN A 15 4.28 -14.96 -31.66
CA GLN A 15 4.38 -14.29 -32.96
C GLN A 15 3.63 -15.08 -34.05
N GLY A 16 2.81 -14.35 -34.83
CA GLY A 16 2.03 -15.00 -35.89
C GLY A 16 0.67 -15.51 -35.48
N LYS A 17 0.35 -15.53 -34.19
CA LYS A 17 -0.92 -16.05 -33.72
CA LYS A 17 -0.92 -16.05 -33.72
C LYS A 17 -1.90 -14.91 -33.51
N LYS A 18 -3.15 -15.14 -33.92
CA LYS A 18 -4.22 -14.18 -33.62
C LYS A 18 -4.74 -14.43 -32.20
N ILE A 19 -4.84 -13.36 -31.43
CA ILE A 19 -5.27 -13.44 -30.02
C ILE A 19 -6.63 -12.78 -29.91
N ALA A 20 -7.60 -13.48 -29.32
CA ALA A 20 -8.86 -12.87 -28.92
C ALA A 20 -8.79 -12.69 -27.41
N VAL A 21 -8.99 -11.45 -26.98
CA VAL A 21 -9.22 -11.17 -25.56
C VAL A 21 -10.73 -11.09 -25.41
N VAL A 22 -11.31 -12.01 -24.64
CA VAL A 22 -12.74 -12.15 -24.44
C VAL A 22 -13.08 -11.42 -23.15
N GLY A 23 -13.87 -10.37 -23.25
CA GLY A 23 -14.03 -9.44 -22.12
C GLY A 23 -13.10 -8.26 -22.24
N TYR A 24 -13.54 -7.11 -21.72
CA TYR A 24 -12.75 -5.92 -21.83
C TYR A 24 -12.90 -5.08 -20.58
N GLY A 25 -12.53 -5.72 -19.44
CA GLY A 25 -12.69 -5.07 -18.14
C GLY A 25 -11.34 -4.75 -17.53
N SER A 26 -11.18 -4.99 -16.24
CA SER A 26 -9.94 -4.61 -15.57
CA SER A 26 -9.93 -4.62 -15.56
C SER A 26 -8.72 -5.31 -16.18
N GLN A 27 -8.74 -6.65 -16.23
CA GLN A 27 -7.65 -7.38 -16.87
C GLN A 27 -7.73 -7.27 -18.40
N GLY A 28 -8.93 -7.37 -18.98
CA GLY A 28 -9.05 -7.41 -20.44
C GLY A 28 -8.41 -6.21 -21.10
N HIS A 29 -8.69 -4.98 -20.61
CA HIS A 29 -8.12 -3.82 -21.31
C HIS A 29 -6.61 -3.79 -21.15
N ALA A 30 -6.07 -4.34 -20.05
CA ALA A 30 -4.64 -4.29 -19.81
C ALA A 30 -3.91 -5.32 -20.66
N HIS A 31 -4.38 -6.57 -20.68
CA HIS A 31 -3.75 -7.59 -21.52
C HIS A 31 -3.79 -7.14 -22.96
N ALA A 32 -4.95 -6.69 -23.43
CA ALA A 32 -5.11 -6.32 -24.83
C ALA A 32 -4.18 -5.17 -25.21
N GLN A 33 -4.16 -4.11 -24.42
CA GLN A 33 -3.34 -2.96 -24.80
CA GLN A 33 -3.34 -2.94 -24.77
C GLN A 33 -1.85 -3.25 -24.65
N ASN A 34 -1.43 -4.04 -23.66
CA ASN A 34 -0.01 -4.33 -23.55
C ASN A 34 0.42 -5.19 -24.73
N LEU A 35 -0.37 -6.20 -25.09
CA LEU A 35 -0.05 -7.06 -26.22
C LEU A 35 -0.01 -6.25 -27.51
N LYS A 36 -0.98 -5.36 -27.69
CA LYS A 36 -1.02 -4.61 -28.94
C LYS A 36 0.15 -3.64 -29.02
N ASP A 37 0.48 -2.99 -27.91
CA ASP A 37 1.62 -2.07 -27.91
C ASP A 37 2.89 -2.80 -28.30
N ASN A 38 3.01 -4.07 -27.94
CA ASN A 38 4.12 -4.94 -28.29
C ASN A 38 4.00 -5.55 -29.69
N GLY A 39 2.97 -5.20 -30.45
CA GLY A 39 2.88 -5.63 -31.84
C GLY A 39 2.16 -6.93 -32.09
N TYR A 40 1.52 -7.53 -31.09
CA TYR A 40 0.75 -8.74 -31.36
C TYR A 40 -0.63 -8.40 -31.94
N ASP A 41 -1.24 -9.38 -32.58
CA ASP A 41 -2.49 -9.19 -33.32
C ASP A 41 -3.62 -9.57 -32.36
N VAL A 42 -4.31 -8.56 -31.88
CA VAL A 42 -5.35 -8.72 -30.85
C VAL A 42 -6.68 -8.24 -31.42
N VAL A 43 -7.74 -9.02 -31.19
CA VAL A 43 -9.11 -8.56 -31.37
C VAL A 43 -9.83 -8.80 -30.05
N ILE A 44 -10.94 -8.11 -29.88
CA ILE A 44 -11.72 -8.20 -28.64
C ILE A 44 -13.02 -8.92 -28.96
N GLY A 45 -13.37 -9.88 -28.13
CA GLY A 45 -14.68 -10.54 -28.15
C GLY A 45 -15.53 -10.02 -27.00
N ILE A 46 -16.64 -9.34 -27.27
CA ILE A 46 -17.31 -8.55 -26.23
C ILE A 46 -18.76 -8.34 -26.68
N ARG A 47 -19.68 -8.42 -25.72
CA ARG A 47 -21.09 -8.13 -25.99
C ARG A 47 -21.31 -6.62 -26.05
N PRO A 48 -22.42 -6.17 -26.65
CA PRO A 48 -22.68 -4.73 -26.66
C PRO A 48 -22.83 -4.16 -25.26
N GLY A 49 -22.46 -2.93 -25.12
CA GLY A 49 -22.54 -2.20 -23.85
C GLY A 49 -21.31 -1.34 -23.66
N ARG A 50 -21.08 -0.90 -22.43
CA ARG A 50 -20.03 0.10 -22.19
CA ARG A 50 -20.04 0.09 -22.17
C ARG A 50 -18.63 -0.44 -22.45
N SER A 51 -18.40 -1.75 -22.20
CA SER A 51 -17.06 -2.31 -22.47
C SER A 51 -16.78 -2.39 -23.96
N PHE A 52 -17.80 -2.79 -24.73
CA PHE A 52 -17.70 -2.75 -26.20
C PHE A 52 -17.32 -1.35 -26.65
N ASP A 53 -18.03 -0.32 -26.17
CA ASP A 53 -17.75 1.05 -26.58
C ASP A 53 -16.35 1.46 -26.19
N LYS A 54 -15.88 1.05 -24.98
CA LYS A 54 -14.54 1.45 -24.55
C LYS A 54 -13.44 0.77 -25.39
N ALA A 55 -13.65 -0.49 -25.75
CA ALA A 55 -12.66 -1.17 -26.57
C ALA A 55 -12.54 -0.47 -27.93
N LYS A 56 -13.68 -0.03 -28.49
CA LYS A 56 -13.63 0.77 -29.74
C LYS A 56 -12.94 2.11 -29.52
N GLU A 57 -13.22 2.78 -28.40
CA GLU A 57 -12.56 4.03 -28.07
CA GLU A 57 -12.56 4.03 -28.08
C GLU A 57 -11.06 3.86 -27.94
N ASP A 58 -10.59 2.68 -27.52
CA ASP A 58 -9.20 2.39 -27.33
C ASP A 58 -8.55 1.85 -28.61
N GLY A 59 -9.29 1.81 -29.71
CA GLY A 59 -8.66 1.53 -31.01
C GLY A 59 -8.65 0.08 -31.40
N PHE A 60 -9.48 -0.75 -30.82
CA PHE A 60 -9.54 -2.15 -31.20
C PHE A 60 -10.65 -2.42 -32.20
N ASP A 61 -10.48 -3.52 -32.91
CA ASP A 61 -11.59 -4.16 -33.62
C ASP A 61 -12.29 -5.12 -32.66
N VAL A 62 -13.62 -5.02 -32.62
CA VAL A 62 -14.45 -5.68 -31.63
CA VAL A 62 -14.45 -5.69 -31.63
C VAL A 62 -15.45 -6.56 -32.36
N PHE A 63 -15.75 -7.72 -31.79
CA PHE A 63 -16.64 -8.70 -32.42
C PHE A 63 -17.40 -9.39 -31.32
N PRO A 64 -18.54 -10.00 -31.64
CA PRO A 64 -19.15 -10.94 -30.71
C PRO A 64 -18.16 -12.01 -30.29
N VAL A 65 -18.34 -12.54 -29.05
CA VAL A 65 -17.45 -13.58 -28.53
C VAL A 65 -17.23 -14.72 -29.54
N ALA A 66 -18.34 -15.27 -30.09
CA ALA A 66 -18.20 -16.44 -30.96
C ALA A 66 -17.34 -16.13 -32.19
N GLU A 67 -17.52 -14.95 -32.78
CA GLU A 67 -16.74 -14.57 -33.95
C GLU A 67 -15.29 -14.35 -33.60
N ALA A 68 -15.00 -13.72 -32.45
CA ALA A 68 -13.61 -13.56 -32.07
C ALA A 68 -12.92 -14.91 -31.83
N VAL A 69 -13.63 -15.85 -31.21
CA VAL A 69 -13.06 -17.19 -31.00
C VAL A 69 -12.73 -17.86 -32.33
N LYS A 70 -13.67 -17.76 -33.30
CA LYS A 70 -13.44 -18.35 -34.62
C LYS A 70 -12.18 -17.81 -35.24
N GLN A 71 -11.98 -16.49 -35.16
CA GLN A 71 -10.81 -15.86 -35.75
C GLN A 71 -9.51 -16.30 -35.08
N ALA A 72 -9.54 -16.56 -33.79
CA ALA A 72 -8.30 -16.54 -33.03
C ALA A 72 -7.64 -17.90 -32.89
N ASP A 73 -6.32 -17.86 -32.68
CA ASP A 73 -5.55 -19.02 -32.27
C ASP A 73 -5.41 -19.17 -30.76
N VAL A 74 -5.38 -18.03 -30.05
CA VAL A 74 -5.27 -17.99 -28.59
C VAL A 74 -6.49 -17.20 -28.09
N ILE A 75 -7.24 -17.81 -27.18
CA ILE A 75 -8.50 -17.27 -26.67
C ILE A 75 -8.24 -17.03 -25.18
N MET A 76 -8.04 -15.78 -24.81
CA MET A 76 -7.81 -15.43 -23.40
C MET A 76 -9.13 -14.99 -22.79
N VAL A 77 -9.60 -15.73 -21.79
CA VAL A 77 -10.94 -15.55 -21.22
C VAL A 77 -10.85 -14.62 -20.02
N LEU A 78 -11.27 -13.37 -20.21
CA LEU A 78 -11.21 -12.32 -19.17
C LEU A 78 -12.61 -11.78 -18.86
N LEU A 79 -13.57 -12.73 -18.83
CA LEU A 79 -14.92 -12.48 -18.33
C LEU A 79 -14.91 -12.64 -16.81
N PRO A 80 -15.92 -12.14 -16.11
CA PRO A 80 -16.01 -12.43 -14.67
C PRO A 80 -16.04 -13.95 -14.45
N ASP A 81 -15.45 -14.41 -13.34
CA ASP A 81 -15.39 -15.85 -13.13
C ASP A 81 -16.77 -16.51 -13.06
N GLU A 82 -17.78 -15.80 -12.52
CA GLU A 82 -19.13 -16.35 -12.41
C GLU A 82 -19.83 -16.51 -13.77
N ILE A 83 -19.38 -15.80 -14.82
CA ILE A 83 -19.98 -15.79 -16.16
C ILE A 83 -19.29 -16.80 -17.06
N GLN A 84 -18.07 -17.21 -16.75
CA GLN A 84 -17.28 -17.93 -17.75
C GLN A 84 -17.91 -19.26 -18.13
N GLY A 85 -18.52 -19.96 -17.17
CA GLY A 85 -19.03 -21.30 -17.47
C GLY A 85 -20.06 -21.29 -18.59
N ASP A 86 -21.03 -20.40 -18.49
CA ASP A 86 -22.11 -20.35 -19.48
C ASP A 86 -21.63 -19.80 -20.81
N VAL A 87 -20.85 -18.71 -20.80
CA VAL A 87 -20.33 -18.19 -22.06
C VAL A 87 -19.42 -19.21 -22.72
N TYR A 88 -18.62 -19.92 -21.92
CA TYR A 88 -17.78 -20.97 -22.52
C TYR A 88 -18.65 -22.01 -23.23
N LYS A 89 -19.67 -22.52 -22.54
CA LYS A 89 -20.48 -23.59 -23.12
CA LYS A 89 -20.44 -23.60 -23.14
CA LYS A 89 -20.49 -23.58 -23.12
C LYS A 89 -21.21 -23.11 -24.38
N ASN A 90 -21.71 -21.89 -24.36
CA ASN A 90 -22.58 -21.46 -25.44
C ASN A 90 -21.90 -20.74 -26.60
N GLU A 91 -20.79 -20.02 -26.34
N GLU A 91 -20.76 -20.07 -26.34
CA GLU A 91 -20.13 -19.17 -27.31
CA GLU A 91 -20.16 -19.15 -27.29
C GLU A 91 -18.72 -19.61 -27.65
C GLU A 91 -18.71 -19.42 -27.57
N ILE A 92 -17.99 -20.15 -26.70
CA ILE A 92 -16.59 -20.48 -26.93
C ILE A 92 -16.43 -21.90 -27.42
N GLU A 93 -16.86 -22.87 -26.61
CA GLU A 93 -16.67 -24.28 -26.94
CA GLU A 93 -16.68 -24.29 -26.94
C GLU A 93 -17.11 -24.63 -28.36
N PRO A 94 -18.30 -24.21 -28.84
CA PRO A 94 -18.71 -24.62 -30.21
C PRO A 94 -17.81 -24.13 -31.31
N ASN A 95 -16.97 -23.14 -31.04
CA ASN A 95 -16.18 -22.43 -32.04
C ASN A 95 -14.70 -22.70 -31.92
N LEU A 96 -14.28 -23.52 -30.95
CA LEU A 96 -12.88 -23.86 -30.81
C LEU A 96 -12.48 -24.84 -31.91
N GLU A 97 -11.22 -24.75 -32.31
CA GLU A 97 -10.64 -25.63 -33.32
C GLU A 97 -9.44 -26.36 -32.75
N LYS A 98 -9.05 -27.44 -33.42
CA LYS A 98 -7.98 -28.27 -32.92
C LYS A 98 -6.70 -27.46 -32.78
N HIS A 99 -6.07 -27.58 -31.60
CA HIS A 99 -4.80 -26.93 -31.26
C HIS A 99 -4.88 -25.42 -31.07
N ASN A 100 -6.09 -24.85 -31.02
CA ASN A 100 -6.19 -23.52 -30.43
C ASN A 100 -5.67 -23.64 -28.99
N ALA A 101 -5.34 -22.48 -28.40
CA ALA A 101 -5.04 -22.40 -26.96
C ALA A 101 -6.14 -21.62 -26.26
N LEU A 102 -6.63 -22.19 -25.17
CA LEU A 102 -7.64 -21.56 -24.31
C LEU A 102 -6.92 -21.11 -23.05
N ALA A 103 -7.02 -19.82 -22.74
CA ALA A 103 -6.21 -19.24 -21.65
C ALA A 103 -7.12 -18.51 -20.66
N PHE A 104 -6.57 -18.39 -19.43
CA PHE A 104 -7.24 -17.72 -18.31
C PHE A 104 -6.23 -16.88 -17.55
N ALA A 105 -6.74 -15.90 -16.79
CA ALA A 105 -5.91 -15.19 -15.84
C ALA A 105 -6.19 -15.58 -14.38
N HIS A 106 -7.02 -16.59 -14.17
CA HIS A 106 -7.29 -17.16 -12.85
C HIS A 106 -7.72 -18.60 -13.08
N GLY A 107 -7.29 -19.49 -12.22
CA GLY A 107 -7.59 -20.92 -12.40
C GLY A 107 -8.99 -21.36 -12.00
N PHE A 108 -9.84 -20.50 -11.44
CA PHE A 108 -11.09 -20.89 -10.78
C PHE A 108 -11.91 -21.84 -11.64
N ASN A 109 -12.27 -21.47 -12.88
CA ASN A 109 -13.24 -22.29 -13.61
C ASN A 109 -12.67 -23.64 -14.00
N ILE A 110 -11.39 -23.72 -14.33
CA ILE A 110 -10.78 -25.01 -14.65
C ILE A 110 -10.58 -25.82 -13.37
N HIS A 111 -10.02 -25.22 -12.31
CA HIS A 111 -9.72 -25.99 -11.11
C HIS A 111 -10.97 -26.52 -10.44
N PHE A 112 -12.04 -25.75 -10.38
CA PHE A 112 -13.27 -26.18 -9.72
C PHE A 112 -14.18 -26.96 -10.68
N GLY A 113 -13.73 -27.21 -11.90
CA GLY A 113 -14.48 -28.15 -12.76
C GLY A 113 -15.62 -27.53 -13.50
N VAL A 114 -15.75 -26.21 -13.50
CA VAL A 114 -16.87 -25.58 -14.19
C VAL A 114 -16.69 -25.68 -15.70
N ILE A 115 -15.48 -25.45 -16.18
CA ILE A 115 -15.16 -25.58 -17.60
C ILE A 115 -14.32 -26.84 -17.74
N GLN A 116 -14.73 -27.75 -18.66
CA GLN A 116 -13.96 -28.95 -18.97
C GLN A 116 -13.62 -28.88 -20.44
N PRO A 117 -12.41 -28.51 -20.82
CA PRO A 117 -12.12 -28.25 -22.23
C PRO A 117 -11.93 -29.55 -22.98
N PRO A 118 -12.06 -29.51 -24.31
CA PRO A 118 -11.73 -30.70 -25.09
C PRO A 118 -10.25 -31.02 -24.97
N ALA A 119 -9.93 -32.31 -25.19
CA ALA A 119 -8.56 -32.76 -25.07
C ALA A 119 -7.64 -32.22 -26.15
N ASP A 120 -8.16 -31.66 -27.24
CA ASP A 120 -7.30 -31.29 -28.35
C ASP A 120 -6.99 -29.80 -28.41
N VAL A 121 -7.20 -29.08 -27.30
CA VAL A 121 -6.81 -27.67 -27.20
C VAL A 121 -5.78 -27.53 -26.09
N ASP A 122 -4.89 -26.57 -26.25
CA ASP A 122 -3.97 -26.23 -25.17
C ASP A 122 -4.76 -25.40 -24.13
N VAL A 123 -4.39 -25.54 -22.86
CA VAL A 123 -5.07 -24.80 -21.79
C VAL A 123 -4.01 -24.28 -20.83
N PHE A 124 -3.96 -22.96 -20.66
CA PHE A 124 -2.92 -22.36 -19.83
C PHE A 124 -3.49 -21.16 -19.09
N LEU A 125 -2.77 -20.78 -18.04
CA LEU A 125 -3.06 -19.50 -17.37
C LEU A 125 -1.84 -18.62 -17.32
N VAL A 126 -2.11 -17.32 -17.39
CA VAL A 126 -1.15 -16.25 -17.10
C VAL A 126 -1.88 -15.29 -16.20
N ALA A 127 -1.53 -15.31 -14.90
CA ALA A 127 -2.26 -14.61 -13.84
C ALA A 127 -1.41 -13.50 -13.25
N PRO A 128 -1.67 -12.23 -13.60
CA PRO A 128 -0.92 -11.14 -12.97
C PRO A 128 -1.32 -11.01 -11.50
N LYS A 129 -0.31 -10.83 -10.66
CA LYS A 129 -0.52 -10.62 -9.23
C LYS A 129 -0.65 -9.12 -9.00
N GLY A 130 -1.72 -8.58 -9.56
CA GLY A 130 -2.05 -7.18 -9.36
C GLY A 130 -3.31 -6.77 -10.08
N PRO A 131 -3.87 -5.61 -9.75
CA PRO A 131 -5.10 -5.16 -10.40
C PRO A 131 -4.86 -4.76 -11.86
N GLY A 132 -5.84 -5.05 -12.68
CA GLY A 132 -5.70 -4.83 -14.11
C GLY A 132 -5.32 -3.41 -14.51
N HIS A 133 -5.90 -2.39 -13.87
CA HIS A 133 -5.53 -1.02 -14.22
C HIS A 133 -4.05 -0.78 -14.01
N LEU A 134 -3.43 -1.43 -13.01
CA LEU A 134 -2.00 -1.26 -12.77
C LEU A 134 -1.16 -2.23 -13.57
N VAL A 135 -1.68 -3.39 -14.00
CA VAL A 135 -0.99 -4.17 -15.03
C VAL A 135 -0.73 -3.29 -16.25
N ARG A 136 -1.73 -2.47 -16.62
CA ARG A 136 -1.57 -1.53 -17.75
C ARG A 136 -0.65 -0.36 -17.38
N ARG A 137 -0.90 0.31 -16.25
CA ARG A 137 -0.15 1.52 -15.95
CA ARG A 137 -0.15 1.52 -15.95
C ARG A 137 1.33 1.22 -15.73
N THR A 138 1.65 0.16 -15.00
CA THR A 138 3.05 -0.18 -14.81
C THR A 138 3.72 -0.40 -16.17
N PHE A 139 3.07 -1.14 -17.06
CA PHE A 139 3.65 -1.40 -18.37
C PHE A 139 3.98 -0.10 -19.08
N VAL A 140 3.05 0.84 -19.08
CA VAL A 140 3.24 2.12 -19.79
C VAL A 140 4.41 2.89 -19.20
N GLU A 141 4.60 2.79 -17.89
CA GLU A 141 5.66 3.46 -17.15
C GLU A 141 7.00 2.76 -17.25
N GLY A 142 7.10 1.59 -17.88
CA GLY A 142 8.35 0.88 -17.95
C GLY A 142 8.54 -0.20 -16.91
N SER A 143 7.63 -0.36 -15.95
CA SER A 143 7.77 -1.48 -15.04
C SER A 143 6.77 -2.57 -15.41
N ALA A 144 6.33 -3.40 -14.45
CA ALA A 144 5.36 -4.46 -14.74
C ALA A 144 4.88 -5.03 -13.43
N VAL A 145 3.83 -5.82 -13.55
CA VAL A 145 3.28 -6.60 -12.44
C VAL A 145 3.74 -8.04 -12.58
N PRO A 146 4.30 -8.63 -11.54
CA PRO A 146 4.69 -10.06 -11.63
C PRO A 146 3.49 -10.92 -11.96
N SER A 147 3.77 -12.05 -12.59
CA SER A 147 2.67 -12.95 -12.97
C SER A 147 3.04 -14.42 -12.74
N LEU A 148 2.02 -15.24 -12.58
CA LEU A 148 2.19 -16.68 -12.54
C LEU A 148 1.76 -17.25 -13.88
N PHE A 149 2.36 -18.39 -14.29
CA PHE A 149 1.86 -19.08 -15.47
C PHE A 149 1.74 -20.55 -15.13
N GLY A 150 0.83 -21.21 -15.82
CA GLY A 150 0.65 -22.63 -15.59
C GLY A 150 0.00 -23.30 -16.78
N ILE A 151 0.31 -24.60 -16.95
CA ILE A 151 -0.21 -25.36 -18.08
C ILE A 151 -1.12 -26.47 -17.53
N GLN A 152 -2.39 -26.48 -17.96
CA GLN A 152 -3.29 -27.57 -17.63
C GLN A 152 -3.27 -28.68 -18.70
N GLN A 153 -3.28 -28.31 -19.99
CA GLN A 153 -3.24 -29.28 -21.10
C GLN A 153 -2.29 -28.76 -22.15
N ASP A 154 -1.49 -29.68 -22.71
CA ASP A 154 -0.58 -29.35 -23.82
C ASP A 154 -0.92 -30.30 -24.98
N ALA A 155 -1.82 -29.87 -25.85
CA ALA A 155 -2.24 -30.68 -26.99
C ALA A 155 -1.34 -30.49 -28.20
N SER A 156 -0.86 -29.27 -28.39
CA SER A 156 -0.03 -28.90 -29.52
C SER A 156 1.44 -29.23 -29.29
N GLY A 157 1.82 -29.45 -28.04
CA GLY A 157 3.22 -29.60 -27.69
C GLY A 157 3.99 -28.31 -27.51
N GLN A 158 3.36 -27.14 -27.74
CA GLN A 158 4.04 -25.87 -27.47
CA GLN A 158 3.98 -25.83 -27.56
C GLN A 158 3.29 -25.01 -26.46
N ALA A 159 2.43 -25.62 -25.67
CA ALA A 159 1.64 -24.83 -24.72
C ALA A 159 2.52 -24.05 -23.74
N ARG A 160 3.58 -24.66 -23.21
CA ARG A 160 4.40 -23.94 -22.24
CA ARG A 160 4.40 -23.94 -22.24
C ARG A 160 5.08 -22.74 -22.88
N ASN A 161 5.62 -22.91 -24.09
CA ASN A 161 6.26 -21.78 -24.72
C ASN A 161 5.26 -20.67 -25.05
N ILE A 162 4.05 -21.08 -25.47
CA ILE A 162 3.00 -20.10 -25.75
C ILE A 162 2.69 -19.29 -24.48
N ALA A 163 2.55 -19.99 -23.36
CA ALA A 163 2.27 -19.30 -22.09
C ALA A 163 3.39 -18.34 -21.70
N LEU A 164 4.65 -18.78 -21.79
CA LEU A 164 5.74 -17.90 -21.45
C LEU A 164 5.80 -16.69 -22.38
N SER A 165 5.61 -16.91 -23.69
CA SER A 165 5.62 -15.75 -24.59
C SER A 165 4.43 -14.81 -24.35
N TYR A 166 3.29 -15.36 -23.94
CA TYR A 166 2.14 -14.53 -23.53
C TYR A 166 2.50 -13.67 -22.31
N ALA A 167 3.06 -14.31 -21.28
CA ALA A 167 3.49 -13.56 -20.10
C ALA A 167 4.48 -12.45 -20.48
N LYS A 168 5.45 -12.76 -21.36
CA LYS A 168 6.39 -11.72 -21.78
C LYS A 168 5.68 -10.62 -22.57
N GLY A 169 4.72 -11.01 -23.42
CA GLY A 169 3.99 -10.06 -24.23
C GLY A 169 3.14 -9.06 -23.45
N ILE A 170 2.64 -9.45 -22.26
CA ILE A 170 1.95 -8.49 -21.40
C ILE A 170 2.88 -7.74 -20.50
N GLY A 171 4.19 -8.02 -20.56
CA GLY A 171 5.20 -7.30 -19.82
C GLY A 171 5.66 -7.95 -18.54
N ALA A 172 5.10 -9.10 -18.16
CA ALA A 172 5.25 -9.56 -16.78
C ALA A 172 6.68 -9.99 -16.49
N THR A 173 7.42 -10.44 -17.52
CA THR A 173 8.78 -10.90 -17.29
C THR A 173 9.74 -9.76 -16.95
N ARG A 174 9.29 -8.51 -17.04
CA ARG A 174 10.11 -7.43 -16.47
C ARG A 174 10.18 -7.52 -14.93
N ALA A 175 9.12 -7.97 -14.28
CA ALA A 175 9.08 -8.07 -12.82
C ALA A 175 9.40 -9.47 -12.34
N GLY A 176 9.12 -10.46 -13.17
CA GLY A 176 9.27 -11.86 -12.77
C GLY A 176 8.02 -12.69 -12.97
N VAL A 177 8.20 -13.88 -13.52
CA VAL A 177 7.13 -14.83 -13.76
C VAL A 177 7.50 -16.19 -13.17
N ILE A 178 6.58 -16.83 -12.44
CA ILE A 178 6.81 -18.11 -11.76
C ILE A 178 5.80 -19.14 -12.23
N GLU A 179 6.24 -20.36 -12.48
CA GLU A 179 5.34 -21.42 -12.85
C GLU A 179 4.56 -21.93 -11.66
N THR A 180 3.30 -22.32 -11.91
CA THR A 180 2.40 -22.82 -10.87
C THR A 180 1.47 -23.84 -11.50
N THR A 181 0.54 -24.37 -10.72
CA THR A 181 -0.55 -25.20 -11.20
C THR A 181 -1.86 -24.43 -11.09
N PHE A 182 -2.88 -24.88 -11.81
CA PHE A 182 -4.19 -24.26 -11.68
C PHE A 182 -4.70 -24.36 -10.24
N LYS A 183 -4.40 -25.44 -9.52
CA LYS A 183 -4.82 -25.56 -8.12
C LYS A 183 -4.13 -24.51 -7.26
N GLU A 184 -2.80 -24.42 -7.35
CA GLU A 184 -2.08 -23.49 -6.50
C GLU A 184 -2.44 -22.06 -6.83
N GLU A 185 -2.53 -21.70 -8.12
CA GLU A 185 -2.93 -20.32 -8.43
C GLU A 185 -4.30 -20.02 -7.84
N THR A 186 -5.26 -20.90 -8.03
CA THR A 186 -6.63 -20.60 -7.61
C THR A 186 -6.70 -20.43 -6.10
N GLU A 187 -6.08 -21.35 -5.36
CA GLU A 187 -6.22 -21.33 -3.91
C GLU A 187 -5.45 -20.17 -3.32
N THR A 188 -4.24 -19.88 -3.79
CA THR A 188 -3.48 -18.78 -3.21
C THR A 188 -4.04 -17.42 -3.63
N ASP A 189 -4.58 -17.32 -4.84
CA ASP A 189 -5.18 -16.03 -5.26
C ASP A 189 -6.42 -15.72 -4.46
N LEU A 190 -7.30 -16.70 -4.28
CA LEU A 190 -8.48 -16.48 -3.46
C LEU A 190 -8.09 -16.14 -2.03
N PHE A 191 -7.08 -16.82 -1.48
CA PHE A 191 -6.66 -16.53 -0.12
C PHE A 191 -6.13 -15.10 -0.02
N GLY A 192 -5.21 -14.70 -0.91
CA GLY A 192 -4.60 -13.37 -0.80
C GLY A 192 -5.62 -12.27 -0.84
N GLU A 193 -6.55 -12.32 -1.80
CA GLU A 193 -7.51 -11.24 -1.88
C GLU A 193 -8.46 -11.25 -0.67
N GLN A 194 -8.83 -12.43 -0.14
CA GLN A 194 -9.74 -12.51 0.98
C GLN A 194 -9.08 -12.10 2.28
N ALA A 195 -7.94 -12.65 2.59
CA ALA A 195 -7.37 -12.54 3.94
C ALA A 195 -6.43 -11.38 4.12
N VAL A 196 -5.87 -10.84 3.01
CA VAL A 196 -4.78 -9.87 3.12
C VAL A 196 -5.06 -8.63 2.27
N LEU A 197 -5.15 -8.77 0.97
CA LEU A 197 -5.08 -7.63 0.06
C LEU A 197 -6.34 -6.80 0.02
N CYS A 198 -7.49 -7.43 0.12
CA CYS A 198 -8.78 -6.74 0.02
C CYS A 198 -9.53 -6.87 1.32
N GLY A 199 -9.92 -8.08 1.72
CA GLY A 199 -10.64 -8.23 2.97
C GLY A 199 -9.84 -7.81 4.17
N GLY A 200 -8.64 -8.36 4.33
CA GLY A 200 -7.90 -8.07 5.56
C GLY A 200 -7.47 -6.63 5.73
N VAL A 201 -6.77 -6.08 4.74
CA VAL A 201 -6.25 -4.72 4.93
C VAL A 201 -7.38 -3.69 4.96
N SER A 202 -8.45 -3.87 4.18
N SER A 202 -8.45 -3.88 4.17
CA SER A 202 -9.54 -2.91 4.22
CA SER A 202 -9.51 -2.89 4.24
C SER A 202 -10.23 -2.91 5.58
C SER A 202 -10.18 -2.90 5.60
N LYS A 203 -10.38 -4.08 6.19
CA LYS A 203 -11.00 -4.15 7.49
C LYS A 203 -10.04 -3.64 8.55
N LEU A 204 -8.72 -3.86 8.41
CA LEU A 204 -7.78 -3.31 9.37
C LEU A 204 -7.87 -1.79 9.37
N ILE A 205 -7.80 -1.20 8.18
CA ILE A 205 -7.83 0.26 8.05
C ILE A 205 -9.14 0.80 8.56
N GLN A 206 -10.26 0.17 8.18
CA GLN A 206 -11.56 0.66 8.66
CA GLN A 206 -11.57 0.63 8.65
C GLN A 206 -11.66 0.55 10.17
N SER A 207 -11.20 -0.55 10.75
CA SER A 207 -11.24 -0.69 12.21
C SER A 207 -10.41 0.37 12.89
N GLY A 208 -9.25 0.71 12.35
CA GLY A 208 -8.44 1.76 12.96
C GLY A 208 -9.10 3.14 12.81
N PHE A 209 -9.66 3.44 11.64
CA PHE A 209 -10.37 4.69 11.43
C PHE A 209 -11.53 4.80 12.39
N GLU A 210 -12.34 3.75 12.49
CA GLU A 210 -13.48 3.74 13.40
C GLU A 210 -13.03 3.94 14.83
N THR A 211 -11.95 3.28 15.25
CA THR A 211 -11.52 3.43 16.63
C THR A 211 -11.18 4.89 16.91
N LEU A 212 -10.53 5.57 15.98
CA LEU A 212 -10.17 6.98 16.19
C LEU A 212 -11.39 7.88 16.18
N VAL A 213 -12.31 7.69 15.23
CA VAL A 213 -13.45 8.59 15.16
C VAL A 213 -14.42 8.33 16.31
N GLU A 214 -14.58 7.09 16.74
CA GLU A 214 -15.40 6.78 17.91
C GLU A 214 -14.83 7.41 19.18
N ALA A 215 -13.52 7.59 19.25
CA ALA A 215 -12.90 8.25 20.39
C ALA A 215 -13.05 9.77 20.33
N GLY A 216 -13.56 10.31 19.24
CA GLY A 216 -13.75 11.75 19.12
C GLY A 216 -12.68 12.52 18.35
N TYR A 217 -11.69 11.84 17.73
CA TYR A 217 -10.66 12.54 17.00
C TYR A 217 -11.18 12.98 15.62
N GLN A 218 -10.52 13.96 15.01
CA GLN A 218 -11.06 14.52 13.76
C GLN A 218 -11.02 13.49 12.63
N PRO A 219 -12.10 13.32 11.87
CA PRO A 219 -12.12 12.27 10.83
C PRO A 219 -11.12 12.51 9.73
N GLU A 220 -10.81 13.73 9.35
CA GLU A 220 -9.85 13.99 8.28
C GLU A 220 -8.46 13.61 8.74
N LEU A 221 -8.15 13.88 9.99
CA LEU A 221 -6.91 13.44 10.58
C LEU A 221 -6.84 11.92 10.52
N ALA A 222 -7.90 11.24 10.97
CA ALA A 222 -7.92 9.77 10.96
C ALA A 222 -7.68 9.22 9.56
N TYR A 223 -8.27 9.84 8.53
CA TYR A 223 -8.03 9.39 7.16
C TYR A 223 -6.54 9.47 6.80
N PHE A 224 -5.89 10.60 7.11
CA PHE A 224 -4.45 10.74 6.80
C PHE A 224 -3.61 9.72 7.56
N GLU A 225 -3.96 9.42 8.80
CA GLU A 225 -3.15 8.56 9.65
C GLU A 225 -3.27 7.11 9.21
N VAL A 226 -4.49 6.60 8.97
CA VAL A 226 -4.63 5.14 8.80
C VAL A 226 -4.75 4.69 7.36
N LEU A 227 -5.11 5.58 6.43
CA LEU A 227 -5.31 5.22 5.04
C LEU A 227 -4.25 5.88 4.16
N HIS A 228 -4.21 7.21 4.06
CA HIS A 228 -3.26 7.85 3.15
C HIS A 228 -1.83 7.41 3.44
N GLU A 229 -1.45 7.44 4.71
CA GLU A 229 -0.08 7.11 5.09
C GLU A 229 0.25 5.65 4.80
N MET A 230 -0.76 4.77 4.73
CA MET A 230 -0.49 3.37 4.41
C MET A 230 0.22 3.24 3.08
N LYS A 231 -0.15 4.05 2.10
CA LYS A 231 0.50 3.98 0.81
C LYS A 231 1.98 4.28 0.94
N LEU A 232 2.33 5.25 1.79
CA LEU A 232 3.74 5.60 1.93
C LEU A 232 4.52 4.50 2.65
N ILE A 233 3.95 3.89 3.69
CA ILE A 233 4.63 2.80 4.39
C ILE A 233 4.75 1.57 3.50
N VAL A 234 3.70 1.23 2.78
CA VAL A 234 3.78 0.05 1.91
C VAL A 234 4.73 0.32 0.74
N ASP A 235 4.90 1.56 0.28
CA ASP A 235 5.94 1.83 -0.72
C ASP A 235 7.30 1.46 -0.16
N LEU A 236 7.59 1.84 1.09
CA LEU A 236 8.88 1.45 1.68
C LEU A 236 9.03 -0.05 1.77
N MET A 237 7.95 -0.76 2.11
CA MET A 237 8.02 -2.21 2.21
C MET A 237 8.23 -2.84 0.85
N TYR A 238 7.56 -2.34 -0.18
CA TYR A 238 7.73 -2.82 -1.56
CA TYR A 238 7.76 -2.89 -1.51
C TYR A 238 9.16 -2.64 -2.06
N GLU A 239 9.82 -1.56 -1.62
CA GLU A 239 11.17 -1.26 -2.08
C GLU A 239 12.23 -1.94 -1.26
N GLY A 240 11.98 -2.30 -0.03
CA GLY A 240 13.04 -2.81 0.83
C GLY A 240 12.62 -3.64 2.02
N GLY A 241 11.40 -4.18 2.01
CA GLY A 241 10.95 -5.03 3.09
C GLY A 241 10.59 -4.28 4.35
N MET A 242 10.12 -5.04 5.32
CA MET A 242 9.89 -4.44 6.65
C MET A 242 11.17 -3.89 7.24
N GLU A 243 12.36 -4.39 6.85
CA GLU A 243 13.62 -3.78 7.29
CA GLU A 243 13.61 -3.78 7.31
C GLU A 243 13.71 -2.31 6.88
N ASN A 244 13.32 -2.00 5.65
CA ASN A 244 13.35 -0.61 5.17
C ASN A 244 12.33 0.25 5.93
N VAL A 245 11.14 -0.29 6.21
CA VAL A 245 10.16 0.42 7.02
C VAL A 245 10.75 0.75 8.38
N ARG A 246 11.27 -0.27 9.07
CA ARG A 246 11.70 -0.05 10.44
CA ARG A 246 11.70 -0.05 10.45
C ARG A 246 12.90 0.88 10.50
N TYR A 247 13.73 0.93 9.47
CA TYR A 247 14.81 1.90 9.41
C TYR A 247 14.25 3.33 9.35
N SER A 248 13.25 3.56 8.49
CA SER A 248 12.75 4.90 8.18
CA SER A 248 12.75 4.91 8.20
C SER A 248 11.89 5.49 9.32
N ILE A 249 11.15 4.67 10.04
CA ILE A 249 10.27 5.14 11.12
C ILE A 249 11.08 5.50 12.36
N SER A 250 10.44 6.19 13.31
CA SER A 250 11.14 6.57 14.54
C SER A 250 11.33 5.35 15.44
N ASN A 251 12.22 5.51 16.42
CA ASN A 251 12.34 4.46 17.45
C ASN A 251 11.03 4.32 18.21
N THR A 252 10.32 5.43 18.45
CA THR A 252 9.02 5.33 19.14
C THR A 252 8.06 4.42 18.38
N ALA A 253 8.01 4.58 17.05
CA ALA A 253 7.14 3.76 16.21
C ALA A 253 7.63 2.30 16.17
N GLU A 254 8.94 2.09 16.04
CA GLU A 254 9.46 0.72 15.97
C GLU A 254 9.16 -0.03 17.26
N PHE A 255 9.37 0.65 18.40
CA PHE A 255 9.03 0.02 19.65
C PHE A 255 7.53 -0.26 19.75
N GLY A 256 6.71 0.73 19.32
CA GLY A 256 5.25 0.51 19.31
C GLY A 256 4.83 -0.62 18.40
N ASP A 257 5.46 -0.77 17.25
CA ASP A 257 5.20 -1.92 16.37
C ASP A 257 5.39 -3.24 17.13
N TYR A 258 6.54 -3.36 17.83
CA TYR A 258 6.86 -4.62 18.49
C TYR A 258 5.93 -4.90 19.66
N VAL A 259 5.51 -3.88 20.40
CA VAL A 259 4.72 -4.13 21.59
CA VAL A 259 4.72 -4.08 21.60
C VAL A 259 3.24 -4.22 21.28
N SER A 260 2.74 -3.49 20.29
CA SER A 260 1.31 -3.42 20.03
C SER A 260 0.89 -4.17 18.81
N GLY A 261 1.75 -4.36 17.81
CA GLY A 261 1.38 -5.18 16.67
C GLY A 261 0.78 -6.54 17.05
N PRO A 262 1.47 -7.33 17.91
CA PRO A 262 0.93 -8.66 18.31
C PRO A 262 -0.27 -8.56 19.22
N ARG A 263 -0.54 -7.40 19.82
CA ARG A 263 -1.77 -7.20 20.59
C ARG A 263 -2.97 -7.05 19.69
N VAL A 264 -2.80 -6.47 18.51
CA VAL A 264 -3.85 -6.28 17.54
C VAL A 264 -4.02 -7.51 16.65
N ILE A 265 -2.93 -7.96 16.03
CA ILE A 265 -2.95 -9.14 15.17
C ILE A 265 -2.39 -10.26 16.02
N THR A 266 -3.29 -10.88 16.81
CA THR A 266 -2.91 -11.92 17.76
C THR A 266 -2.76 -13.24 17.01
N PRO A 267 -2.36 -14.32 17.71
CA PRO A 267 -2.39 -15.64 17.08
C PRO A 267 -3.77 -16.06 16.58
N ASP A 268 -4.86 -15.56 17.18
CA ASP A 268 -6.19 -15.90 16.69
C ASP A 268 -6.37 -15.45 15.25
N VAL A 269 -5.78 -14.31 14.85
CA VAL A 269 -5.93 -13.82 13.48
C VAL A 269 -5.31 -14.77 12.51
N LYS A 270 -4.14 -15.31 12.83
CA LYS A 270 -3.56 -16.34 11.97
C LYS A 270 -4.43 -17.61 11.88
N GLU A 271 -5.05 -18.00 12.99
CA GLU A 271 -5.99 -19.11 12.97
C GLU A 271 -7.20 -18.78 12.09
N ASN A 272 -7.66 -17.53 12.14
CA ASN A 272 -8.76 -17.11 11.29
C ASN A 272 -8.37 -17.22 9.82
N MET A 273 -7.13 -16.87 9.49
CA MET A 273 -6.66 -17.02 8.11
C MET A 273 -6.63 -18.46 7.66
N LYS A 274 -6.23 -19.38 8.56
CA LYS A 274 -6.24 -20.76 8.17
C LYS A 274 -7.68 -21.26 7.94
N ALA A 275 -8.65 -20.74 8.71
CA ALA A 275 -10.04 -21.14 8.46
C ALA A 275 -10.53 -20.64 7.10
N VAL A 276 -10.14 -19.40 6.73
CA VAL A 276 -10.45 -18.88 5.38
C VAL A 276 -9.81 -19.72 4.29
N LEU A 277 -8.55 -20.14 4.49
CA LEU A 277 -7.89 -20.98 3.48
C LEU A 277 -8.60 -22.33 3.32
N THR A 278 -8.98 -22.90 4.47
CA THR A 278 -9.67 -24.20 4.44
C THR A 278 -10.96 -24.11 3.63
N ASP A 279 -11.75 -23.04 3.83
CA ASP A 279 -12.99 -22.90 3.08
C ASP A 279 -12.79 -22.54 1.60
N ILE A 280 -11.59 -22.09 1.19
CA ILE A 280 -11.24 -22.01 -0.22
C ILE A 280 -10.89 -23.41 -0.75
N GLN A 281 -10.03 -24.11 -0.02
CA GLN A 281 -9.55 -25.40 -0.53
C GLN A 281 -10.66 -26.42 -0.67
N ASN A 282 -11.65 -26.42 0.24
CA ASN A 282 -12.69 -27.46 0.25
C ASN A 282 -13.85 -27.14 -0.68
N GLY A 283 -13.80 -26.03 -1.43
CA GLY A 283 -14.85 -25.64 -2.34
C GLY A 283 -15.98 -24.83 -1.71
N ASN A 284 -15.94 -24.59 -0.40
CA ASN A 284 -17.06 -23.87 0.24
C ASN A 284 -17.19 -22.44 -0.31
N PHE A 285 -16.06 -21.78 -0.52
CA PHE A 285 -16.15 -20.39 -0.98
C PHE A 285 -16.69 -20.33 -2.41
N SER A 286 -16.12 -21.13 -3.29
CA SER A 286 -16.52 -21.10 -4.69
C SER A 286 -17.98 -21.54 -4.82
N ASN A 287 -18.41 -22.52 -4.03
CA ASN A 287 -19.82 -22.92 -4.08
CA ASN A 287 -19.82 -22.91 -4.09
C ASN A 287 -20.72 -21.77 -3.66
N ARG A 288 -20.36 -21.07 -2.58
CA ARG A 288 -21.18 -19.95 -2.14
C ARG A 288 -21.26 -18.85 -3.21
N PHE A 289 -20.12 -18.50 -3.82
CA PHE A 289 -20.10 -17.43 -4.81
C PHE A 289 -20.92 -17.82 -6.04
N ILE A 290 -20.73 -19.03 -6.55
CA ILE A 290 -21.45 -19.41 -7.76
CA ILE A 290 -21.44 -19.50 -7.75
C ILE A 290 -22.93 -19.58 -7.47
N GLU A 291 -23.29 -20.15 -6.32
CA GLU A 291 -24.71 -20.24 -5.99
C GLU A 291 -25.33 -18.86 -5.81
N ASP A 292 -24.61 -17.89 -5.21
CA ASP A 292 -25.17 -16.56 -5.10
C ASP A 292 -25.40 -15.97 -6.49
N ASN A 293 -24.44 -16.09 -7.38
CA ASN A 293 -24.65 -15.60 -8.72
C ASN A 293 -25.87 -16.24 -9.40
N LYS A 294 -26.03 -17.56 -9.28
CA LYS A 294 -27.20 -18.26 -9.84
C LYS A 294 -28.50 -17.70 -9.28
N ASN A 295 -28.49 -17.20 -8.06
CA ASN A 295 -29.62 -16.60 -7.36
C ASN A 295 -29.68 -15.07 -7.52
N GLY A 296 -29.07 -14.52 -8.56
CA GLY A 296 -29.19 -13.09 -8.79
C GLY A 296 -28.21 -12.20 -8.04
N PHE A 297 -27.19 -12.78 -7.39
CA PHE A 297 -26.20 -11.99 -6.63
C PHE A 297 -26.85 -11.22 -5.50
N LYS A 298 -27.90 -11.82 -4.91
CA LYS A 298 -28.58 -11.14 -3.81
C LYS A 298 -27.64 -10.86 -2.65
N GLU A 299 -26.83 -11.86 -2.25
CA GLU A 299 -25.94 -11.63 -1.12
C GLU A 299 -24.83 -10.62 -1.48
N PHE A 300 -24.24 -10.79 -2.65
CA PHE A 300 -23.15 -9.89 -3.07
C PHE A 300 -23.63 -8.46 -3.08
N TYR A 301 -24.79 -8.20 -3.68
CA TYR A 301 -25.22 -6.80 -3.80
C TYR A 301 -25.58 -6.20 -2.46
N LYS A 302 -26.14 -7.02 -1.58
CA LYS A 302 -26.38 -6.57 -0.21
C LYS A 302 -25.08 -6.28 0.53
N LEU A 303 -24.07 -7.17 0.44
CA LEU A 303 -22.80 -6.90 1.12
C LEU A 303 -22.12 -5.67 0.56
N ARG A 304 -22.25 -5.43 -0.73
CA ARG A 304 -21.69 -4.20 -1.30
C ARG A 304 -22.42 -3.00 -0.73
N GLU A 305 -23.76 -3.06 -0.65
CA GLU A 305 -24.52 -1.93 -0.13
C GLU A 305 -24.17 -1.69 1.32
N GLU A 306 -23.90 -2.75 2.07
CA GLU A 306 -23.59 -2.63 3.50
C GLU A 306 -22.33 -1.82 3.71
N GLN A 307 -21.36 -1.89 2.76
CA GLN A 307 -20.10 -1.18 2.89
CA GLN A 307 -20.07 -1.22 2.81
C GLN A 307 -20.10 0.17 2.18
N HIS A 308 -21.13 0.48 1.42
CA HIS A 308 -21.22 1.73 0.70
C HIS A 308 -21.36 2.89 1.69
N GLY A 309 -20.72 4.01 1.34
CA GLY A 309 -20.99 5.15 2.20
C GLY A 309 -20.52 5.09 3.66
N HIS A 310 -19.64 4.14 4.02
CA HIS A 310 -18.75 4.32 5.18
C HIS A 310 -18.19 5.74 5.19
N GLN A 311 -18.09 6.32 6.41
CA GLN A 311 -17.55 7.68 6.58
C GLN A 311 -16.18 7.84 5.94
N ILE A 312 -15.35 6.78 5.98
CA ILE A 312 -14.00 6.90 5.44
C ILE A 312 -14.05 7.24 3.95
N GLU A 313 -15.09 6.75 3.26
CA GLU A 313 -15.16 7.00 1.82
C GLU A 313 -15.56 8.44 1.51
N LYS A 314 -16.48 9.03 2.30
CA LYS A 314 -16.86 10.43 2.11
C LYS A 314 -15.71 11.37 2.45
N VAL A 315 -15.09 11.16 3.62
CA VAL A 315 -14.00 12.00 4.06
C VAL A 315 -12.88 11.91 3.05
N GLY A 316 -12.55 10.68 2.62
CA GLY A 316 -11.44 10.53 1.70
C GLY A 316 -11.68 11.21 0.36
N ARG A 317 -12.89 11.10 -0.17
CA ARG A 317 -13.17 11.73 -1.47
C ARG A 317 -12.94 13.24 -1.40
N GLU A 318 -13.35 13.87 -0.29
CA GLU A 318 -13.21 15.33 -0.14
C GLU A 318 -11.74 15.75 0.00
N LEU A 319 -10.92 14.95 0.68
CA LEU A 319 -9.51 15.29 0.77
C LEU A 319 -8.77 15.03 -0.54
N ARG A 320 -9.05 13.90 -1.20
CA ARG A 320 -8.33 13.58 -2.41
C ARG A 320 -8.63 14.55 -3.55
N GLU A 321 -9.85 15.10 -3.59
CA GLU A 321 -10.17 16.00 -4.69
C GLU A 321 -9.33 17.26 -4.66
N MET A 322 -8.76 17.62 -3.51
CA MET A 322 -7.94 18.82 -3.39
C MET A 322 -6.47 18.54 -3.57
N MET A 323 -6.06 17.30 -3.87
CA MET A 323 -4.64 17.00 -4.04
C MET A 323 -4.30 17.03 -5.51
N PRO A 324 -3.59 18.04 -6.00
CA PRO A 324 -3.38 18.13 -7.46
C PRO A 324 -2.63 16.94 -8.04
N PHE A 325 -1.80 16.25 -7.23
CA PHE A 325 -0.99 15.18 -7.76
C PHE A 325 -1.75 13.87 -7.89
N ILE A 326 -2.99 13.83 -7.43
CA ILE A 326 -3.85 12.67 -7.73
C ILE A 326 -5.12 13.14 -8.43
N THR B 1 -14.32 20.69 8.76
CA THR B 1 -12.90 20.76 9.10
C THR B 1 -12.19 21.63 8.09
N THR B 2 -11.45 22.61 8.58
CA THR B 2 -10.63 23.44 7.70
C THR B 2 -9.35 22.68 7.30
N VAL B 3 -9.10 22.56 6.02
CA VAL B 3 -7.84 22.03 5.52
C VAL B 3 -7.17 23.15 4.75
N TYR B 4 -5.88 23.32 4.95
CA TYR B 4 -5.09 24.39 4.34
C TYR B 4 -4.27 23.85 3.18
N TYR B 5 -4.36 24.49 2.02
CA TYR B 5 -3.56 24.21 0.84
C TYR B 5 -2.67 25.43 0.52
N ASP B 6 -1.87 25.31 -0.54
CA ASP B 6 -0.87 26.33 -0.86
C ASP B 6 -1.50 27.74 -0.90
N GLN B 7 -2.66 27.87 -1.57
CA GLN B 7 -3.23 29.22 -1.71
C GLN B 7 -3.83 29.75 -0.42
N ASP B 8 -4.02 28.92 0.58
CA ASP B 8 -4.61 29.33 1.83
C ASP B 8 -3.58 29.86 2.81
N VAL B 9 -2.30 29.72 2.51
CA VAL B 9 -1.25 30.25 3.36
C VAL B 9 -0.63 31.38 2.54
N LYS B 10 -0.94 32.61 2.91
CA LYS B 10 -0.53 33.77 2.09
C LYS B 10 0.75 34.39 2.65
N THR B 11 0.71 34.78 3.92
CA THR B 11 1.90 35.34 4.53
C THR B 11 3.06 34.36 4.51
N ASP B 12 4.24 34.78 4.06
CA ASP B 12 5.47 33.99 4.26
C ASP B 12 6.05 34.44 5.59
N ALA B 13 5.61 33.83 6.69
CA ALA B 13 6.01 34.26 8.03
C ALA B 13 7.38 33.73 8.43
N LEU B 14 8.01 32.95 7.56
CA LEU B 14 9.37 32.51 7.80
C LEU B 14 10.41 33.34 7.11
N GLN B 15 10.00 34.28 6.26
CA GLN B 15 10.98 35.08 5.57
C GLN B 15 11.76 35.85 6.62
N GLY B 16 13.08 35.87 6.45
CA GLY B 16 13.88 36.62 7.38
C GLY B 16 14.19 35.89 8.68
N LYS B 17 13.71 34.64 8.86
CA LYS B 17 14.05 33.84 10.05
C LYS B 17 15.10 32.79 9.73
N LYS B 18 16.07 32.66 10.64
CA LYS B 18 17.01 31.57 10.53
C LYS B 18 16.39 30.34 11.21
N ILE B 19 16.37 29.22 10.48
CA ILE B 19 15.79 27.98 10.98
C ILE B 19 16.91 27.01 11.34
N ALA B 20 16.89 26.53 12.59
CA ALA B 20 17.77 25.42 12.98
C ALA B 20 16.97 24.13 13.00
N VAL B 21 17.38 23.17 12.19
CA VAL B 21 16.84 21.80 12.30
C VAL B 21 17.83 21.05 13.18
N VAL B 22 17.34 20.63 14.34
CA VAL B 22 18.16 19.92 15.33
C VAL B 22 17.97 18.43 15.11
N GLY B 23 19.04 17.73 14.69
CA GLY B 23 18.93 16.35 14.24
C GLY B 23 18.92 16.31 12.73
N TYR B 24 19.43 15.22 12.16
CA TYR B 24 19.53 15.10 10.71
C TYR B 24 19.26 13.66 10.30
N GLY B 25 18.17 13.12 10.86
CA GLY B 25 17.76 11.74 10.59
C GLY B 25 16.66 11.67 9.57
N SER B 26 15.72 10.75 9.80
N SER B 26 15.72 10.75 9.80
CA SER B 26 14.67 10.51 8.82
CA SER B 26 14.67 10.50 8.82
C SER B 26 13.86 11.77 8.55
C SER B 26 13.87 11.77 8.54
N GLN B 27 13.32 12.40 9.60
CA GLN B 27 12.62 13.67 9.39
C GLN B 27 13.59 14.82 9.17
N GLY B 28 14.68 14.91 9.94
CA GLY B 28 15.54 16.10 9.90
C GLY B 28 16.09 16.37 8.52
N HIS B 29 16.60 15.34 7.82
CA HIS B 29 17.17 15.64 6.50
C HIS B 29 16.09 16.15 5.56
N ALA B 30 14.86 15.65 5.70
CA ALA B 30 13.78 15.99 4.77
C ALA B 30 13.28 17.39 5.02
N HIS B 31 13.02 17.74 6.28
CA HIS B 31 12.60 19.11 6.55
C HIS B 31 13.68 20.10 6.10
N ALA B 32 14.95 19.81 6.39
CA ALA B 32 16.01 20.76 6.08
C ALA B 32 16.17 20.92 4.58
N GLN B 33 16.10 19.83 3.82
CA GLN B 33 16.32 19.91 2.38
C GLN B 33 15.13 20.55 1.68
N ASN B 34 13.89 20.26 2.11
CA ASN B 34 12.72 20.88 1.49
C ASN B 34 12.72 22.38 1.77
N LEU B 35 13.01 22.80 3.01
CA LEU B 35 13.07 24.22 3.34
C LEU B 35 14.17 24.92 2.58
N LYS B 36 15.34 24.28 2.44
CA LYS B 36 16.44 24.92 1.70
CA LYS B 36 16.41 24.95 1.71
C LYS B 36 16.07 25.06 0.23
N ASP B 37 15.43 24.06 -0.34
CA ASP B 37 14.98 24.17 -1.73
C ASP B 37 13.94 25.28 -1.91
N ASN B 38 13.15 25.56 -0.88
CA ASN B 38 12.18 26.66 -0.89
C ASN B 38 12.78 28.00 -0.49
N GLY B 39 14.11 28.09 -0.41
CA GLY B 39 14.75 29.39 -0.29
C GLY B 39 15.02 29.86 1.11
N TYR B 40 14.79 29.05 2.14
CA TYR B 40 14.95 29.51 3.51
C TYR B 40 16.37 29.30 4.00
N ASP B 41 16.71 30.06 5.06
CA ASP B 41 18.04 30.02 5.69
C ASP B 41 17.96 28.95 6.76
N VAL B 42 18.56 27.80 6.48
CA VAL B 42 18.50 26.62 7.35
C VAL B 42 19.91 26.26 7.80
N VAL B 43 20.08 26.05 9.09
CA VAL B 43 21.31 25.50 9.63
C VAL B 43 20.93 24.23 10.37
N ILE B 44 21.92 23.34 10.52
CA ILE B 44 21.71 22.06 11.20
C ILE B 44 22.40 22.13 12.56
N GLY B 45 21.69 21.76 13.62
CA GLY B 45 22.22 21.61 14.96
C GLY B 45 22.45 20.13 15.17
N ILE B 46 23.68 19.64 15.30
CA ILE B 46 23.87 18.18 15.34
C ILE B 46 25.19 17.92 16.03
N ARG B 47 25.27 16.78 16.73
CA ARG B 47 26.52 16.36 17.36
C ARG B 47 27.45 15.83 16.28
N PRO B 48 28.77 15.83 16.53
CA PRO B 48 29.68 15.19 15.57
C PRO B 48 29.35 13.72 15.33
N GLY B 49 29.64 13.25 14.13
CA GLY B 49 29.37 11.87 13.72
C GLY B 49 28.83 11.77 12.30
N ARG B 50 28.13 10.66 12.04
CA ARG B 50 27.66 10.38 10.67
C ARG B 50 26.65 11.41 10.18
N SER B 51 25.76 11.89 11.07
CA SER B 51 24.75 12.86 10.62
C SER B 51 25.37 14.21 10.36
N PHE B 52 26.35 14.61 11.17
CA PHE B 52 27.08 15.85 10.96
C PHE B 52 27.79 15.82 9.61
N ASP B 53 28.46 14.68 9.32
CA ASP B 53 29.20 14.59 8.07
C ASP B 53 28.26 14.62 6.86
N LYS B 54 27.11 13.96 6.98
CA LYS B 54 26.15 13.92 5.87
C LYS B 54 25.54 15.29 5.63
N ALA B 55 25.20 15.99 6.72
CA ALA B 55 24.65 17.34 6.56
C ALA B 55 25.65 18.28 5.88
N LYS B 56 26.94 18.17 6.24
CA LYS B 56 27.96 18.99 5.60
C LYS B 56 28.08 18.62 4.12
N GLU B 57 28.09 17.32 3.82
CA GLU B 57 28.17 16.88 2.43
C GLU B 57 26.96 17.40 1.63
N ASP B 58 25.80 17.47 2.26
CA ASP B 58 24.58 17.93 1.59
C ASP B 58 24.54 19.44 1.43
N GLY B 59 25.57 20.15 1.89
CA GLY B 59 25.63 21.56 1.64
C GLY B 59 25.13 22.46 2.74
N PHE B 60 24.91 21.96 3.96
CA PHE B 60 24.42 22.80 5.03
C PHE B 60 25.56 23.32 5.89
N ASP B 61 25.31 24.46 6.52
CA ASP B 61 26.12 24.92 7.66
C ASP B 61 25.69 24.13 8.87
N VAL B 62 26.65 23.53 9.56
CA VAL B 62 26.40 22.56 10.62
C VAL B 62 27.10 23.01 11.89
N PHE B 63 26.39 22.98 13.00
CA PHE B 63 26.89 23.52 14.26
C PHE B 63 26.47 22.59 15.38
N PRO B 64 27.15 22.66 16.53
CA PRO B 64 26.61 22.01 17.74
C PRO B 64 25.20 22.51 18.01
N VAL B 65 24.39 21.66 18.64
CA VAL B 65 23.00 22.03 18.95
C VAL B 65 22.93 23.39 19.64
N ALA B 66 23.75 23.58 20.70
CA ALA B 66 23.70 24.83 21.45
C ALA B 66 23.92 26.05 20.56
N GLU B 67 24.86 25.97 19.64
CA GLU B 67 25.17 27.11 18.80
C GLU B 67 24.10 27.34 17.73
N ALA B 68 23.59 26.24 17.14
CA ALA B 68 22.46 26.39 16.21
C ALA B 68 21.27 27.06 16.87
N VAL B 69 20.94 26.67 18.12
CA VAL B 69 19.83 27.30 18.84
C VAL B 69 20.08 28.79 19.06
N LYS B 70 21.30 29.13 19.52
CA LYS B 70 21.65 30.54 19.70
C LYS B 70 21.43 31.33 18.43
N GLN B 71 21.89 30.81 17.30
CA GLN B 71 21.78 31.56 16.05
C GLN B 71 20.33 31.66 15.57
N ALA B 72 19.49 30.65 15.83
CA ALA B 72 18.25 30.52 15.08
C ALA B 72 17.09 31.25 15.74
N ASP B 73 16.10 31.57 14.90
CA ASP B 73 14.82 32.09 15.34
C ASP B 73 13.77 31.00 15.56
N VAL B 74 13.85 29.94 14.75
CA VAL B 74 12.93 28.81 14.82
C VAL B 74 13.80 27.59 14.99
N ILE B 75 13.52 26.81 16.03
CA ILE B 75 14.30 25.64 16.40
C ILE B 75 13.37 24.43 16.26
N MET B 76 13.58 23.62 15.22
CA MET B 76 12.79 22.42 14.97
C MET B 76 13.52 21.19 15.53
N VAL B 77 12.92 20.55 16.52
CA VAL B 77 13.56 19.44 17.24
C VAL B 77 13.22 18.09 16.59
N LEU B 78 14.17 17.56 15.84
CA LEU B 78 13.99 16.28 15.13
C LEU B 78 15.03 15.26 15.58
N LEU B 79 15.13 15.16 16.90
CA LEU B 79 15.88 14.13 17.59
C LEU B 79 14.94 12.99 17.94
N PRO B 80 15.45 11.77 18.22
CA PRO B 80 14.56 10.72 18.73
C PRO B 80 13.78 11.19 19.94
N ASP B 81 12.52 10.74 20.05
CA ASP B 81 11.67 11.21 21.14
C ASP B 81 12.27 10.91 22.50
N GLU B 82 12.92 9.76 22.64
CA GLU B 82 13.46 9.37 23.94
C GLU B 82 14.65 10.20 24.41
N ILE B 83 15.30 10.92 23.50
CA ILE B 83 16.55 11.69 23.65
C ILE B 83 16.20 13.16 23.92
N GLN B 84 15.00 13.61 23.53
CA GLN B 84 14.74 15.05 23.47
C GLN B 84 14.81 15.71 24.84
N GLY B 85 14.33 15.05 25.89
CA GLY B 85 14.30 15.71 27.20
C GLY B 85 15.69 16.11 27.69
N ASP B 86 16.65 15.20 27.54
CA ASP B 86 18.01 15.48 28.01
C ASP B 86 18.68 16.53 27.16
N VAL B 87 18.53 16.46 25.82
CA VAL B 87 19.18 17.42 24.97
C VAL B 87 18.53 18.78 25.13
N TYR B 88 17.20 18.78 25.32
CA TYR B 88 16.52 20.05 25.60
C TYR B 88 17.13 20.71 26.85
N LYS B 89 17.21 19.95 27.95
CA LYS B 89 17.64 20.53 29.22
C LYS B 89 19.07 21.05 29.11
N ASN B 90 19.95 20.30 28.46
CA ASN B 90 21.37 20.60 28.52
C ASN B 90 21.83 21.52 27.40
N GLU B 91 21.17 21.48 26.24
CA GLU B 91 21.70 22.16 25.07
C GLU B 91 20.75 23.17 24.44
N ILE B 92 19.44 23.04 24.63
CA ILE B 92 18.47 23.91 23.95
C ILE B 92 18.01 25.00 24.92
N GLU B 93 17.42 24.60 26.05
CA GLU B 93 16.87 25.55 27.03
CA GLU B 93 16.87 25.56 27.01
C GLU B 93 17.83 26.68 27.37
N PRO B 94 19.11 26.44 27.66
CA PRO B 94 20.00 27.54 28.07
C PRO B 94 20.26 28.55 26.97
N ASN B 95 19.91 28.25 25.73
CA ASN B 95 20.27 29.09 24.61
C ASN B 95 19.09 29.72 23.92
N LEU B 96 17.87 29.47 24.38
CA LEU B 96 16.70 30.09 23.81
C LEU B 96 16.65 31.58 24.19
N GLU B 97 16.05 32.37 23.32
CA GLU B 97 15.83 33.80 23.54
C GLU B 97 14.32 34.09 23.47
N LYS B 98 13.89 35.20 24.10
CA LYS B 98 12.49 35.59 24.05
C LYS B 98 12.02 35.67 22.60
N HIS B 99 10.84 35.10 22.37
CA HIS B 99 10.15 35.03 21.09
C HIS B 99 10.84 34.21 20.02
N ASN B 100 11.86 33.44 20.36
CA ASN B 100 12.19 32.31 19.50
C ASN B 100 10.95 31.41 19.43
N ALA B 101 10.93 30.53 18.42
CA ALA B 101 9.90 29.49 18.32
C ALA B 101 10.56 28.11 18.43
N LEU B 102 9.99 27.27 19.29
CA LEU B 102 10.45 25.90 19.50
C LEU B 102 9.41 25.01 18.84
N ALA B 103 9.86 24.11 17.98
CA ALA B 103 8.94 23.29 17.18
C ALA B 103 9.33 21.82 17.28
N PHE B 104 8.33 20.97 17.00
CA PHE B 104 8.48 19.52 17.02
C PHE B 104 7.72 18.97 15.82
N ALA B 105 8.03 17.71 15.49
CA ALA B 105 7.26 16.97 14.52
C ALA B 105 6.41 15.88 15.16
N HIS B 106 6.34 15.81 16.49
CA HIS B 106 5.50 14.88 17.24
C HIS B 106 5.29 15.52 18.58
N GLY B 107 4.07 15.38 19.10
CA GLY B 107 3.77 16.08 20.35
C GLY B 107 4.22 15.40 21.60
N PHE B 108 4.81 14.21 21.51
CA PHE B 108 5.11 13.35 22.66
C PHE B 108 5.75 14.10 23.83
N ASN B 109 6.89 14.77 23.61
CA ASN B 109 7.62 15.35 24.76
C ASN B 109 6.89 16.47 25.44
N ILE B 110 6.18 17.32 24.65
CA ILE B 110 5.38 18.38 25.27
C ILE B 110 4.14 17.80 25.93
N HIS B 111 3.43 16.92 25.23
CA HIS B 111 2.18 16.41 25.77
C HIS B 111 2.37 15.62 27.04
N PHE B 112 3.40 14.78 27.11
CA PHE B 112 3.61 13.96 28.30
C PHE B 112 4.48 14.69 29.33
N GLY B 113 4.77 15.96 29.12
CA GLY B 113 5.37 16.79 30.18
C GLY B 113 6.87 16.63 30.35
N VAL B 114 7.55 15.97 29.42
CA VAL B 114 8.99 15.79 29.54
C VAL B 114 9.70 17.10 29.33
N ILE B 115 9.25 17.91 28.38
CA ILE B 115 9.82 19.22 28.12
C ILE B 115 8.77 20.24 28.53
N GLN B 116 9.18 21.20 29.38
CA GLN B 116 8.32 22.32 29.79
C GLN B 116 8.98 23.63 29.38
N PRO B 117 8.64 24.19 28.23
CA PRO B 117 9.34 25.35 27.71
C PRO B 117 9.08 26.60 28.54
N PRO B 118 9.90 27.63 28.39
CA PRO B 118 9.62 28.88 29.08
C PRO B 118 8.37 29.52 28.48
N ALA B 119 7.78 30.42 29.25
CA ALA B 119 6.53 31.05 28.85
C ALA B 119 6.67 31.99 27.68
N ASP B 120 7.87 32.49 27.39
CA ASP B 120 8.07 33.57 26.42
C ASP B 120 8.59 33.11 25.05
N VAL B 121 8.47 31.80 24.73
CA VAL B 121 8.81 31.29 23.40
C VAL B 121 7.54 30.70 22.77
N ASP B 122 7.44 30.80 21.46
CA ASP B 122 6.35 30.12 20.76
C ASP B 122 6.66 28.62 20.75
N VAL B 123 5.61 27.81 20.82
CA VAL B 123 5.78 26.35 20.79
C VAL B 123 4.77 25.79 19.80
N PHE B 124 5.24 25.10 18.76
CA PHE B 124 4.33 24.59 17.74
C PHE B 124 4.80 23.22 17.25
N LEU B 125 3.88 22.53 16.60
CA LEU B 125 4.27 21.30 15.91
C LEU B 125 3.86 21.37 14.46
N VAL B 126 4.67 20.75 13.62
CA VAL B 126 4.30 20.44 12.24
C VAL B 126 4.69 18.96 12.07
N ALA B 127 3.70 18.10 11.98
CA ALA B 127 3.85 16.62 12.06
C ALA B 127 3.45 16.04 10.72
N PRO B 128 4.40 15.67 9.85
CA PRO B 128 4.02 14.99 8.59
C PRO B 128 3.49 13.61 8.90
N LYS B 129 2.39 13.26 8.22
CA LYS B 129 1.76 11.95 8.32
C LYS B 129 2.41 11.00 7.30
N GLY B 130 3.70 10.78 7.47
CA GLY B 130 4.45 9.92 6.59
C GLY B 130 5.91 9.86 6.97
N PRO B 131 6.60 8.86 6.46
CA PRO B 131 8.00 8.65 6.82
C PRO B 131 8.88 9.72 6.21
N GLY B 132 9.91 10.11 6.97
CA GLY B 132 10.74 11.25 6.53
C GLY B 132 11.36 11.10 5.15
N HIS B 133 11.85 9.90 4.81
CA HIS B 133 12.43 9.74 3.48
C HIS B 133 11.43 10.09 2.40
N LEU B 134 10.15 9.83 2.63
CA LEU B 134 9.13 10.15 1.65
C LEU B 134 8.60 11.56 1.79
N VAL B 135 8.71 12.21 2.95
CA VAL B 135 8.50 13.66 3.01
C VAL B 135 9.43 14.36 2.02
N ARG B 136 10.67 13.87 1.91
CA ARG B 136 11.62 14.43 0.94
C ARG B 136 11.27 13.97 -0.48
N ARG B 137 11.06 12.66 -0.71
CA ARG B 137 10.94 12.20 -2.08
C ARG B 137 9.65 12.72 -2.72
N THR B 138 8.54 12.73 -1.99
CA THR B 138 7.31 13.30 -2.57
C THR B 138 7.55 14.75 -2.99
N PHE B 139 8.23 15.54 -2.15
CA PHE B 139 8.46 16.94 -2.45
C PHE B 139 9.27 17.09 -3.73
N VAL B 140 10.31 16.28 -3.90
CA VAL B 140 11.16 16.36 -5.11
C VAL B 140 10.36 16.03 -6.36
N GLU B 141 9.43 15.08 -6.26
CA GLU B 141 8.61 14.62 -7.35
C GLU B 141 7.43 15.54 -7.63
N GLY B 142 7.18 16.54 -6.82
CA GLY B 142 6.11 17.49 -7.02
C GLY B 142 4.88 17.29 -6.17
N SER B 143 4.84 16.22 -5.37
CA SER B 143 3.75 16.04 -4.44
C SER B 143 4.22 16.42 -3.03
N ALA B 144 3.62 15.82 -1.99
CA ALA B 144 3.99 16.12 -0.60
C ALA B 144 3.27 15.12 0.31
N VAL B 145 3.73 15.09 1.55
CA VAL B 145 3.05 14.33 2.60
C VAL B 145 2.14 15.26 3.38
N PRO B 146 0.88 14.92 3.58
CA PRO B 146 -0.01 15.78 4.38
C PRO B 146 0.55 15.92 5.78
N SER B 147 0.24 17.02 6.45
CA SER B 147 0.79 17.27 7.77
C SER B 147 -0.25 17.86 8.69
N LEU B 148 -0.04 17.69 9.98
CA LEU B 148 -0.80 18.39 11.00
C LEU B 148 0.05 19.52 11.59
N PHE B 149 -0.62 20.61 11.99
CA PHE B 149 0.09 21.63 12.76
C PHE B 149 -0.69 21.90 14.03
N GLY B 150 0.02 22.36 15.07
CA GLY B 150 -0.65 22.70 16.30
C GLY B 150 0.15 23.73 17.06
N ILE B 151 -0.56 24.57 17.82
CA ILE B 151 0.07 25.65 18.57
C ILE B 151 -0.10 25.37 20.06
N GLN B 152 0.99 25.17 20.79
CA GLN B 152 0.88 24.99 22.22
C GLN B 152 1.05 26.32 22.96
N GLN B 153 1.90 27.19 22.46
CA GLN B 153 2.14 28.51 23.09
C GLN B 153 2.35 29.52 22.00
N ASP B 154 1.67 30.68 22.10
CA ASP B 154 1.88 31.80 21.19
C ASP B 154 2.35 33.00 22.00
N ALA B 155 3.65 33.10 22.23
CA ALA B 155 4.23 34.24 22.94
C ALA B 155 4.39 35.44 22.03
N SER B 156 4.74 35.23 20.78
CA SER B 156 5.07 36.33 19.89
C SER B 156 3.84 36.96 19.24
N GLY B 157 2.71 36.26 19.21
CA GLY B 157 1.57 36.66 18.41
C GLY B 157 1.59 36.18 16.98
N GLN B 158 2.67 35.54 16.55
CA GLN B 158 2.90 35.13 15.16
C GLN B 158 2.95 33.60 15.04
N ALA B 159 2.74 32.86 16.13
CA ALA B 159 3.07 31.41 16.11
C ALA B 159 2.23 30.67 15.06
N ARG B 160 0.95 31.01 14.91
CA ARG B 160 0.10 30.33 13.93
CA ARG B 160 0.10 30.33 13.93
C ARG B 160 0.63 30.54 12.52
N ASN B 161 0.94 31.80 12.17
CA ASN B 161 1.44 32.05 10.82
C ASN B 161 2.80 31.39 10.59
N ILE B 162 3.67 31.37 11.59
CA ILE B 162 4.97 30.70 11.47
C ILE B 162 4.80 29.19 11.22
N ALA B 163 3.89 28.58 11.94
CA ALA B 163 3.63 27.13 11.80
C ALA B 163 3.05 26.81 10.43
N LEU B 164 2.10 27.63 9.95
CA LEU B 164 1.56 27.42 8.62
C LEU B 164 2.61 27.61 7.54
N SER B 165 3.44 28.67 7.65
CA SER B 165 4.50 28.87 6.67
C SER B 165 5.54 27.74 6.72
N TYR B 166 5.80 27.18 7.91
CA TYR B 166 6.71 26.03 8.01
C TYR B 166 6.11 24.81 7.31
N ALA B 167 4.82 24.55 7.53
CA ALA B 167 4.18 23.46 6.82
C ALA B 167 4.22 23.64 5.31
N LYS B 168 3.95 24.87 4.82
CA LYS B 168 4.05 25.11 3.38
C LYS B 168 5.49 24.97 2.89
N GLY B 169 6.46 25.38 3.72
CA GLY B 169 7.86 25.33 3.36
C GLY B 169 8.43 23.93 3.21
N ILE B 170 7.85 22.96 3.93
CA ILE B 170 8.26 21.56 3.71
C ILE B 170 7.38 20.88 2.66
N GLY B 171 6.46 21.62 2.01
CA GLY B 171 5.64 21.11 0.93
C GLY B 171 4.26 20.67 1.32
N ALA B 172 3.93 20.59 2.62
CA ALA B 172 2.76 19.82 3.08
C ALA B 172 1.46 20.37 2.55
N THR B 173 1.38 21.69 2.33
CA THR B 173 0.16 22.30 1.82
C THR B 173 -0.17 21.85 0.39
N ARG B 174 0.75 21.21 -0.34
CA ARG B 174 0.35 20.58 -1.59
C ARG B 174 -0.67 19.47 -1.37
N ALA B 175 -0.56 18.73 -0.27
CA ALA B 175 -1.41 17.61 0.01
C ALA B 175 -2.51 17.93 0.97
N GLY B 176 -2.26 18.91 1.87
CA GLY B 176 -3.23 19.31 2.86
C GLY B 176 -2.66 19.36 4.26
N VAL B 177 -2.99 20.43 5.00
CA VAL B 177 -2.54 20.62 6.36
C VAL B 177 -3.76 20.89 7.25
N ILE B 178 -3.84 20.23 8.39
CA ILE B 178 -4.95 20.32 9.31
C ILE B 178 -4.42 20.74 10.67
N GLU B 179 -5.17 21.62 11.38
CA GLU B 179 -4.81 22.01 12.74
C GLU B 179 -5.25 20.94 13.74
N THR B 180 -4.40 20.73 14.75
CA THR B 180 -4.69 19.80 15.82
C THR B 180 -4.12 20.39 17.11
N THR B 181 -4.22 19.62 18.19
CA THR B 181 -3.55 19.91 19.46
C THR B 181 -2.37 18.95 19.65
N PHE B 182 -1.48 19.31 20.58
CA PHE B 182 -0.41 18.38 20.98
C PHE B 182 -0.97 17.06 21.50
N LYS B 183 -2.07 17.07 22.25
CA LYS B 183 -2.68 15.85 22.75
C LYS B 183 -3.19 14.99 21.60
N GLU B 184 -3.98 15.56 20.71
CA GLU B 184 -4.58 14.77 19.62
C GLU B 184 -3.52 14.24 18.68
N GLU B 185 -2.56 15.05 18.30
CA GLU B 185 -1.50 14.51 17.45
C GLU B 185 -0.77 13.38 18.15
N THR B 186 -0.41 13.52 19.43
CA THR B 186 0.38 12.48 20.06
C THR B 186 -0.40 11.19 20.11
N GLU B 187 -1.65 11.24 20.53
CA GLU B 187 -2.43 10.04 20.75
C GLU B 187 -2.75 9.37 19.43
N THR B 188 -3.13 10.12 18.41
CA THR B 188 -3.49 9.53 17.13
C THR B 188 -2.25 8.99 16.40
N ASP B 189 -1.12 9.68 16.52
CA ASP B 189 0.11 9.24 15.87
C ASP B 189 0.60 7.94 16.45
N LEU B 190 0.64 7.85 17.80
CA LEU B 190 1.05 6.60 18.43
C LEU B 190 0.10 5.48 18.05
N PHE B 191 -1.19 5.77 18.02
CA PHE B 191 -2.13 4.73 17.67
C PHE B 191 -1.93 4.25 16.23
N GLY B 192 -1.82 5.17 15.28
CA GLY B 192 -1.75 4.73 13.89
C GLY B 192 -0.54 3.86 13.65
N GLU B 193 0.62 4.24 14.19
CA GLU B 193 1.79 3.44 13.92
C GLU B 193 1.72 2.08 14.62
N GLN B 194 1.13 2.03 15.81
CA GLN B 194 1.03 0.78 16.57
C GLN B 194 0.02 -0.15 15.95
N ALA B 195 -1.22 0.31 15.73
CA ALA B 195 -2.32 -0.57 15.40
C ALA B 195 -2.50 -0.83 13.93
N VAL B 196 -2.04 0.08 13.07
CA VAL B 196 -2.36 0.01 11.64
C VAL B 196 -1.11 0.04 10.76
N LEU B 197 -0.31 1.07 10.82
CA LEU B 197 0.73 1.33 9.78
C LEU B 197 1.96 0.45 9.94
N CYS B 198 2.38 0.20 11.16
CA CYS B 198 3.60 -0.57 11.39
C CYS B 198 3.24 -1.87 12.08
N GLY B 199 2.71 -1.83 13.29
CA GLY B 199 2.39 -3.07 13.97
C GLY B 199 1.32 -3.87 13.25
N GLY B 200 0.17 -3.29 12.96
CA GLY B 200 -0.93 -4.04 12.35
C GLY B 200 -0.64 -4.57 10.97
N VAL B 201 -0.26 -3.72 10.03
CA VAL B 201 -0.14 -4.24 8.67
C VAL B 201 1.03 -5.21 8.55
N SER B 202 2.14 -4.97 9.23
CA SER B 202 3.24 -5.91 9.13
C SER B 202 2.82 -7.29 9.62
N LYS B 203 2.12 -7.36 10.75
CA LYS B 203 1.68 -8.64 11.27
C LYS B 203 0.62 -9.28 10.40
N LEU B 204 -0.27 -8.50 9.78
CA LEU B 204 -1.21 -9.06 8.84
C LEU B 204 -0.47 -9.74 7.70
N ILE B 205 0.48 -9.04 7.09
CA ILE B 205 1.21 -9.60 5.96
C ILE B 205 2.02 -10.81 6.39
N GLN B 206 2.69 -10.73 7.53
CA GLN B 206 3.47 -11.86 8.01
C GLN B 206 2.58 -13.05 8.23
N SER B 207 1.41 -12.86 8.85
CA SER B 207 0.52 -13.98 9.11
C SER B 207 0.00 -14.57 7.81
N GLY B 208 -0.31 -13.74 6.81
CA GLY B 208 -0.71 -14.27 5.53
C GLY B 208 0.41 -15.06 4.83
N PHE B 209 1.64 -14.51 4.85
CA PHE B 209 2.77 -15.21 4.26
C PHE B 209 2.99 -16.57 4.93
N GLU B 210 3.00 -16.56 6.28
CA GLU B 210 3.21 -17.81 7.03
C GLU B 210 2.11 -18.79 6.74
N THR B 211 0.86 -18.34 6.64
CA THR B 211 -0.25 -19.27 6.35
C THR B 211 0.02 -19.96 5.03
N LEU B 212 0.42 -19.22 4.00
CA LEU B 212 0.67 -19.84 2.70
C LEU B 212 1.88 -20.77 2.72
N VAL B 213 2.99 -20.34 3.32
CA VAL B 213 4.17 -21.20 3.29
C VAL B 213 3.98 -22.44 4.15
N GLU B 214 3.31 -22.31 5.29
CA GLU B 214 3.05 -23.48 6.14
C GLU B 214 2.12 -24.44 5.43
N ALA B 215 1.28 -23.98 4.53
CA ALA B 215 0.37 -24.81 3.76
C ALA B 215 1.06 -25.42 2.56
N GLY B 216 2.36 -25.16 2.37
CA GLY B 216 3.12 -25.81 1.31
C GLY B 216 3.17 -25.09 -0.01
N TYR B 217 2.67 -23.85 -0.10
CA TYR B 217 2.73 -23.12 -1.37
C TYR B 217 4.10 -22.46 -1.57
N GLN B 218 4.41 -22.11 -2.82
CA GLN B 218 5.78 -21.60 -3.08
C GLN B 218 6.02 -20.28 -2.33
N PRO B 219 7.14 -20.10 -1.65
CA PRO B 219 7.36 -18.85 -0.92
C PRO B 219 7.47 -17.64 -1.80
N GLU B 220 8.00 -17.77 -3.02
CA GLU B 220 8.11 -16.58 -3.88
C GLU B 220 6.74 -16.13 -4.31
N LEU B 221 5.88 -17.09 -4.62
CA LEU B 221 4.48 -16.79 -4.92
C LEU B 221 3.83 -16.08 -3.74
N ALA B 222 4.03 -16.60 -2.52
CA ALA B 222 3.45 -15.97 -1.34
C ALA B 222 3.93 -14.53 -1.19
N TYR B 223 5.21 -14.24 -1.45
CA TYR B 223 5.70 -12.85 -1.40
C TYR B 223 4.95 -11.97 -2.39
N PHE B 224 4.82 -12.42 -3.64
CA PHE B 224 4.13 -11.57 -4.61
C PHE B 224 2.67 -11.36 -4.23
N GLU B 225 2.03 -12.36 -3.64
CA GLU B 225 0.60 -12.27 -3.34
C GLU B 225 0.32 -11.38 -2.14
N VAL B 226 1.06 -11.51 -1.05
CA VAL B 226 0.67 -10.83 0.19
C VAL B 226 1.44 -9.55 0.44
N LEU B 227 2.59 -9.34 -0.21
CA LEU B 227 3.39 -8.15 0.08
C LEU B 227 3.54 -7.30 -1.17
N HIS B 228 4.11 -7.82 -2.27
CA HIS B 228 4.32 -6.96 -3.43
C HIS B 228 3.00 -6.39 -3.94
N GLU B 229 1.97 -7.22 -4.04
CA GLU B 229 0.70 -6.75 -4.56
C GLU B 229 0.03 -5.76 -3.62
N MET B 230 0.34 -5.79 -2.34
CA MET B 230 -0.23 -4.83 -1.39
CA MET B 230 -0.28 -4.83 -1.45
C MET B 230 0.07 -3.41 -1.84
N LYS B 231 1.27 -3.17 -2.40
CA LYS B 231 1.61 -1.81 -2.83
C LYS B 231 0.69 -1.36 -3.95
N LEU B 232 0.39 -2.27 -4.87
CA LEU B 232 -0.50 -1.94 -5.97
C LEU B 232 -1.94 -1.66 -5.49
N ILE B 233 -2.45 -2.47 -4.58
CA ILE B 233 -3.79 -2.25 -4.05
C ILE B 233 -3.86 -0.95 -3.26
N VAL B 234 -2.86 -0.72 -2.41
CA VAL B 234 -2.90 0.50 -1.62
C VAL B 234 -2.67 1.73 -2.48
N ASP B 235 -1.98 1.63 -3.62
CA ASP B 235 -1.92 2.78 -4.54
C ASP B 235 -3.32 3.11 -5.04
N LEU B 236 -4.13 2.11 -5.40
CA LEU B 236 -5.47 2.43 -5.84
C LEU B 236 -6.28 3.04 -4.73
N MET B 237 -6.10 2.62 -3.48
CA MET B 237 -6.84 3.14 -2.39
C MET B 237 -6.45 4.59 -2.11
N TYR B 238 -5.15 4.92 -2.23
N TYR B 238 -5.13 4.86 -2.21
CA TYR B 238 -4.76 6.30 -1.97
CA TYR B 238 -4.58 6.21 -2.07
C TYR B 238 -5.16 7.22 -3.11
C TYR B 238 -5.23 7.15 -3.07
N GLU B 239 -5.40 6.66 -4.30
CA GLU B 239 -5.87 7.50 -5.40
C GLU B 239 -7.37 7.64 -5.41
N GLY B 240 -8.15 6.69 -4.87
CA GLY B 240 -9.60 6.69 -5.08
C GLY B 240 -10.41 6.03 -3.98
N GLY B 241 -9.81 5.71 -2.82
CA GLY B 241 -10.53 5.04 -1.77
C GLY B 241 -10.72 3.55 -2.04
N MET B 242 -11.33 2.92 -1.04
CA MET B 242 -11.72 1.53 -1.19
C MET B 242 -12.69 1.34 -2.35
N GLU B 243 -13.50 2.34 -2.71
CA GLU B 243 -14.37 2.20 -3.88
CA GLU B 243 -14.37 2.19 -3.88
C GLU B 243 -13.55 1.96 -5.15
N ASN B 244 -12.39 2.62 -5.26
CA ASN B 244 -11.55 2.47 -6.44
C ASN B 244 -10.91 1.07 -6.47
N VAL B 245 -10.48 0.57 -5.30
CA VAL B 245 -10.00 -0.80 -5.22
C VAL B 245 -11.10 -1.75 -5.69
N ARG B 246 -12.29 -1.64 -5.08
CA ARG B 246 -13.37 -2.60 -5.38
C ARG B 246 -13.83 -2.50 -6.82
N TYR B 247 -13.71 -1.33 -7.45
CA TYR B 247 -13.98 -1.21 -8.87
C TYR B 247 -12.99 -2.06 -9.68
N SER B 248 -11.69 -1.90 -9.40
CA SER B 248 -10.67 -2.54 -10.21
C SER B 248 -10.61 -4.07 -10.04
N ILE B 249 -10.78 -4.58 -8.82
CA ILE B 249 -10.68 -6.02 -8.58
C ILE B 249 -11.87 -6.74 -9.18
N SER B 250 -11.74 -8.07 -9.26
CA SER B 250 -12.80 -8.90 -9.84
C SER B 250 -13.99 -8.98 -8.89
N ASN B 251 -15.15 -9.37 -9.45
CA ASN B 251 -16.27 -9.63 -8.57
C ASN B 251 -15.96 -10.77 -7.60
N THR B 252 -15.17 -11.76 -8.02
CA THR B 252 -14.77 -12.83 -7.11
C THR B 252 -14.03 -12.26 -5.91
N ALA B 253 -13.06 -11.36 -6.16
CA ALA B 253 -12.31 -10.75 -5.07
C ALA B 253 -13.18 -9.82 -4.22
N GLU B 254 -14.09 -9.03 -4.85
CA GLU B 254 -14.93 -8.12 -4.05
C GLU B 254 -15.84 -8.93 -3.13
N PHE B 255 -16.45 -10.00 -3.66
CA PHE B 255 -17.30 -10.84 -2.82
C PHE B 255 -16.45 -11.48 -1.71
N GLY B 256 -15.24 -11.94 -2.07
CA GLY B 256 -14.36 -12.53 -1.06
C GLY B 256 -13.95 -11.54 0.02
N ASP B 257 -13.67 -10.30 -0.35
CA ASP B 257 -13.40 -9.25 0.63
C ASP B 257 -14.56 -9.15 1.62
N TYR B 258 -15.80 -9.06 1.11
CA TYR B 258 -16.93 -8.86 2.02
C TYR B 258 -17.19 -10.06 2.92
N VAL B 259 -17.00 -11.30 2.42
CA VAL B 259 -17.35 -12.47 3.24
C VAL B 259 -16.21 -12.87 4.14
N SER B 260 -14.98 -12.66 3.74
CA SER B 260 -13.84 -13.17 4.51
C SER B 260 -13.10 -12.11 5.28
N GLY B 261 -13.11 -10.86 4.85
CA GLY B 261 -12.45 -9.81 5.59
C GLY B 261 -12.84 -9.79 7.06
N PRO B 262 -14.15 -9.82 7.36
CA PRO B 262 -14.58 -9.80 8.76
C PRO B 262 -14.37 -11.09 9.50
N ARG B 263 -14.02 -12.18 8.81
CA ARG B 263 -13.64 -13.41 9.49
CA ARG B 263 -13.65 -13.40 9.48
C ARG B 263 -12.20 -13.35 9.94
N VAL B 264 -11.39 -12.52 9.29
CA VAL B 264 -9.98 -12.37 9.66
C VAL B 264 -9.85 -11.25 10.67
N ILE B 265 -10.34 -10.05 10.32
CA ILE B 265 -10.29 -8.89 11.20
C ILE B 265 -11.68 -8.82 11.84
N THR B 266 -11.81 -9.53 12.95
CA THR B 266 -13.07 -9.75 13.63
C THR B 266 -13.31 -8.61 14.60
N PRO B 267 -14.49 -8.57 15.24
CA PRO B 267 -14.71 -7.54 16.26
C PRO B 267 -13.71 -7.60 17.39
N ASP B 268 -13.15 -8.77 17.68
CA ASP B 268 -12.10 -8.87 18.69
C ASP B 268 -10.91 -8.02 18.31
N VAL B 269 -10.53 -8.01 17.02
CA VAL B 269 -9.38 -7.20 16.60
C VAL B 269 -9.65 -5.73 16.83
N LYS B 270 -10.88 -5.24 16.51
CA LYS B 270 -11.19 -3.87 16.81
C LYS B 270 -11.17 -3.57 18.32
N GLU B 271 -11.63 -4.52 19.15
CA GLU B 271 -11.51 -4.34 20.60
CA GLU B 271 -11.51 -4.37 20.61
C GLU B 271 -10.04 -4.27 21.04
N ASN B 272 -9.18 -5.07 20.39
CA ASN B 272 -7.74 -4.99 20.70
C ASN B 272 -7.18 -3.62 20.35
N MET B 273 -7.63 -3.04 19.25
CA MET B 273 -7.19 -1.69 18.89
C MET B 273 -7.62 -0.69 19.96
N LYS B 274 -8.85 -0.83 20.46
CA LYS B 274 -9.30 0.09 21.51
C LYS B 274 -8.46 -0.05 22.76
N ALA B 275 -8.03 -1.26 23.10
CA ALA B 275 -7.16 -1.42 24.27
C ALA B 275 -5.80 -0.76 24.04
N VAL B 276 -5.27 -0.87 22.82
CA VAL B 276 -4.04 -0.18 22.49
C VAL B 276 -4.20 1.33 22.61
N LEU B 277 -5.29 1.89 22.10
CA LEU B 277 -5.55 3.32 22.26
C LEU B 277 -5.67 3.73 23.73
N THR B 278 -6.34 2.92 24.55
CA THR B 278 -6.46 3.28 25.97
C THR B 278 -5.09 3.35 26.62
N ASP B 279 -4.20 2.41 26.30
CA ASP B 279 -2.86 2.43 26.88
C ASP B 279 -1.99 3.57 26.36
N ILE B 280 -2.31 4.13 25.19
CA ILE B 280 -1.70 5.38 24.76
C ILE B 280 -2.26 6.56 25.58
N GLN B 281 -3.59 6.65 25.69
CA GLN B 281 -4.22 7.78 26.35
C GLN B 281 -3.85 7.86 27.83
N ASN B 282 -3.70 6.74 28.51
CA ASN B 282 -3.51 6.80 29.95
C ASN B 282 -2.06 6.83 30.37
N GLY B 283 -1.12 6.96 29.44
CA GLY B 283 0.29 7.03 29.76
C GLY B 283 1.02 5.70 29.85
N ASN B 284 0.30 4.58 29.78
CA ASN B 284 0.99 3.30 29.94
C ASN B 284 2.04 3.09 28.84
N PHE B 285 1.69 3.41 27.57
CA PHE B 285 2.68 3.13 26.52
C PHE B 285 3.89 4.03 26.68
N SER B 286 3.65 5.35 26.84
CA SER B 286 4.78 6.25 26.94
C SER B 286 5.64 5.95 28.14
N ASN B 287 5.03 5.59 29.29
CA ASN B 287 5.85 5.22 30.43
CA ASN B 287 5.84 5.20 30.45
C ASN B 287 6.68 3.97 30.14
N ARG B 288 6.10 2.99 29.46
CA ARG B 288 6.84 1.76 29.13
C ARG B 288 8.03 2.07 28.25
N PHE B 289 7.84 2.95 27.25
CA PHE B 289 8.92 3.32 26.35
C PHE B 289 10.00 4.11 27.07
N ILE B 290 9.61 5.11 27.85
CA ILE B 290 10.59 5.95 28.57
C ILE B 290 11.35 5.14 29.61
N GLU B 291 10.66 4.28 30.34
CA GLU B 291 11.37 3.46 31.32
C GLU B 291 12.32 2.51 30.62
N ASP B 292 11.93 1.92 29.49
CA ASP B 292 12.87 1.05 28.81
C ASP B 292 14.08 1.83 28.34
N ASN B 293 13.87 3.03 27.83
CA ASN B 293 14.99 3.88 27.45
C ASN B 293 15.97 4.08 28.62
N LYS B 294 15.42 4.27 29.82
CA LYS B 294 16.26 4.49 31.02
C LYS B 294 17.07 3.26 31.35
N ASN B 295 16.58 2.06 31.00
CA ASN B 295 17.26 0.78 31.21
C ASN B 295 18.06 0.35 29.99
N GLY B 296 18.48 1.30 29.15
CA GLY B 296 19.33 0.94 28.03
C GLY B 296 18.62 0.28 26.87
N PHE B 297 17.28 0.45 26.78
CA PHE B 297 16.47 -0.17 25.71
C PHE B 297 16.59 -1.70 25.67
N LYS B 298 16.70 -2.33 26.85
CA LYS B 298 16.81 -3.79 26.90
CA LYS B 298 16.82 -3.78 26.89
C LYS B 298 15.62 -4.46 26.24
N GLU B 299 14.40 -4.00 26.57
CA GLU B 299 13.23 -4.65 25.97
C GLU B 299 13.14 -4.35 24.47
N PHE B 300 13.38 -3.09 24.09
CA PHE B 300 13.30 -2.72 22.67
C PHE B 300 14.24 -3.57 21.83
N TYR B 301 15.49 -3.71 22.30
CA TYR B 301 16.43 -4.45 21.48
C TYR B 301 16.16 -5.95 21.50
N LYS B 302 15.63 -6.48 22.62
CA LYS B 302 15.20 -7.88 22.67
C LYS B 302 14.11 -8.14 21.63
N LEU B 303 13.13 -7.22 21.57
CA LEU B 303 12.02 -7.41 20.66
C LEU B 303 12.48 -7.23 19.22
N ARG B 304 13.43 -6.31 18.99
CA ARG B 304 13.97 -6.15 17.65
C ARG B 304 14.67 -7.41 17.18
N GLU B 305 15.49 -8.00 18.05
CA GLU B 305 16.18 -9.23 17.67
C GLU B 305 15.20 -10.37 17.40
N GLU B 306 14.13 -10.46 18.18
CA GLU B 306 13.15 -11.54 18.00
C GLU B 306 12.52 -11.45 16.62
N GLN B 307 12.22 -10.22 16.16
CA GLN B 307 11.59 -10.07 14.85
C GLN B 307 12.55 -10.17 13.68
N HIS B 308 13.84 -10.04 13.92
CA HIS B 308 14.78 -10.07 12.83
C HIS B 308 14.86 -11.46 12.20
N GLY B 309 15.15 -11.50 10.90
CA GLY B 309 15.46 -12.77 10.27
C GLY B 309 14.32 -13.56 9.68
N HIS B 310 13.16 -12.97 9.51
CA HIS B 310 12.03 -13.72 8.95
C HIS B 310 12.28 -14.16 7.51
N GLN B 311 11.75 -15.34 7.15
CA GLN B 311 11.80 -15.82 5.78
C GLN B 311 11.32 -14.80 4.73
N ILE B 312 10.26 -14.03 5.05
CA ILE B 312 9.76 -13.08 4.05
C ILE B 312 10.81 -12.04 3.67
N GLU B 313 11.72 -11.73 4.60
CA GLU B 313 12.79 -10.76 4.26
C GLU B 313 13.82 -11.36 3.30
N LYS B 314 14.18 -12.62 3.50
CA LYS B 314 15.11 -13.25 2.59
C LYS B 314 14.50 -13.45 1.19
N VAL B 315 13.26 -13.95 1.11
CA VAL B 315 12.63 -14.14 -0.18
C VAL B 315 12.45 -12.80 -0.88
N GLY B 316 12.03 -11.78 -0.12
CA GLY B 316 11.84 -10.47 -0.72
C GLY B 316 13.11 -9.84 -1.23
N ARG B 317 14.23 -10.01 -0.49
CA ARG B 317 15.50 -9.50 -0.99
C ARG B 317 15.83 -10.11 -2.35
N GLU B 318 15.68 -11.44 -2.48
CA GLU B 318 16.02 -12.13 -3.73
C GLU B 318 15.19 -11.65 -4.88
N LEU B 319 13.88 -11.47 -4.66
CA LEU B 319 13.02 -11.08 -5.77
C LEU B 319 13.20 -9.62 -6.13
N ARG B 320 13.37 -8.76 -5.13
CA ARG B 320 13.51 -7.33 -5.40
C ARG B 320 14.81 -7.03 -6.13
N GLU B 321 15.85 -7.79 -5.85
CA GLU B 321 17.14 -7.54 -6.53
C GLU B 321 17.02 -7.68 -8.03
N MET B 322 16.09 -8.51 -8.51
CA MET B 322 15.93 -8.74 -9.95
C MET B 322 14.88 -7.85 -10.59
N MET B 323 14.31 -6.89 -9.86
CA MET B 323 13.37 -5.94 -10.43
CA MET B 323 13.38 -5.94 -10.47
CA MET B 323 13.38 -5.95 -10.47
C MET B 323 14.08 -4.61 -10.66
N PRO B 324 14.45 -4.25 -11.91
CA PRO B 324 15.26 -3.04 -12.11
C PRO B 324 14.58 -1.77 -11.71
N PHE B 325 13.24 -1.73 -11.80
CA PHE B 325 12.50 -0.55 -11.48
C PHE B 325 12.42 -0.27 -9.97
N ILE B 326 12.84 -1.21 -9.15
CA ILE B 326 12.99 -1.01 -7.69
C ILE B 326 14.32 -0.33 -7.36
MG MG C . -4.87 -12.07 -7.50
MG MG D . -8.40 -13.10 -7.84
C1 40E E . -8.80 -10.31 -8.27
O11 40E E . -9.45 -11.38 -8.29
O12 40E E . -9.27 -9.21 -8.61
C2 40E E . -7.37 -10.52 -7.83
O2 40E E . -6.87 -11.66 -8.00
N3 40E E . -6.61 -9.51 -7.20
C4 40E E . -7.07 -8.18 -6.91
C41 40E E . -6.37 -7.23 -7.89
C42 40E E . -6.61 -7.90 -5.47
C1 GOL F . 1.81 2.08 -11.28
O1 GOL F . 1.89 3.47 -11.49
C2 GOL F . 2.07 1.84 -9.78
O2 GOL F . 1.06 2.47 -8.99
C3 GOL F . 3.47 2.32 -9.42
O3 GOL F . 4.32 1.21 -9.65
C1 GOL G . -11.94 -1.16 -19.36
O1 GOL G . -13.27 -1.59 -19.30
C2 GOL G . -11.79 -0.18 -18.20
O2 GOL G . -11.89 -0.83 -16.93
C3 GOL G . -10.56 0.70 -18.30
O3 GOL G . -10.72 1.69 -17.29
C1 GOL H . -17.18 -3.16 -16.63
O1 GOL H . -17.95 -4.35 -16.71
C2 GOL H . -15.67 -3.48 -16.41
O2 GOL H . -15.54 -4.26 -15.22
C3 GOL H . -14.89 -2.19 -16.17
O3 GOL H . -13.52 -2.52 -16.06
PA NDP I . -14.34 -7.43 -15.15
O1A NDP I . -13.58 -6.20 -14.95
O2A NDP I . -15.56 -7.72 -14.33
O5B NDP I . -14.70 -7.36 -16.72
C5B NDP I . -15.50 -8.46 -17.22
C4B NDP I . -15.71 -8.14 -18.74
O4B NDP I . -16.49 -9.20 -19.31
C3B NDP I . -16.43 -6.82 -19.02
O3B NDP I . -15.81 -6.25 -20.17
C2B NDP I . -17.86 -7.27 -19.37
O2B NDP I . -18.58 -6.44 -20.24
C1B NDP I . -17.54 -8.56 -20.11
N9A NDP I . -18.66 -9.50 -20.11
C8A NDP I . -19.49 -9.81 -19.08
N7A NDP I . -20.47 -10.71 -19.43
C5A NDP I . -20.23 -10.94 -20.80
C6A NDP I . -20.87 -11.72 -21.82
N6A NDP I . -21.98 -12.53 -21.51
N1A NDP I . -20.35 -11.74 -23.06
C2A NDP I . -19.28 -10.97 -23.33
N3A NDP I . -18.58 -10.17 -22.48
C4A NDP I . -19.11 -10.19 -21.24
O3 NDP I . -13.41 -8.74 -15.07
PN NDP I . -11.92 -8.82 -14.42
O1N NDP I . -10.98 -8.22 -15.39
O2N NDP I . -11.98 -8.34 -13.00
O5D NDP I . -11.76 -10.41 -14.36
C5D NDP I . -11.47 -11.16 -15.55
C4D NDP I . -10.61 -12.39 -15.13
O4D NDP I . -9.32 -11.90 -14.62
C3D NDP I . -11.23 -13.25 -14.02
O3D NDP I . -10.91 -14.60 -14.30
C2D NDP I . -10.49 -12.73 -12.77
O2D NDP I . -10.37 -13.65 -11.70
C1D NDP I . -9.10 -12.52 -13.30
N1N NDP I . -8.28 -11.59 -12.59
C2N NDP I . -8.74 -10.29 -12.30
C3N NDP I . -7.92 -9.41 -11.65
C7N NDP I . -8.29 -8.03 -11.54
O7N NDP I . -7.37 -7.17 -11.44
N7N NDP I . -9.54 -7.58 -11.69
C4N NDP I . -6.63 -9.89 -11.11
C5N NDP I . -6.09 -11.02 -11.85
C6N NDP I . -6.92 -11.86 -12.49
P2B NDP I . -19.80 -5.52 -19.65
O1X NDP I . -20.76 -5.47 -20.82
O2X NDP I . -19.13 -4.19 -19.36
O3X NDP I . -20.36 -6.20 -18.45
C1 HIO J . -8.71 -10.25 -8.25
O11 HIO J . -9.13 -9.08 -8.36
O12 HIO J . -9.41 -11.22 -8.66
C2 HIO J . -7.38 -10.54 -7.56
O2 HIO J . -6.93 -11.66 -7.62
N3 HIO J . -6.44 -9.50 -7.31
O3 HIO J . -5.13 -9.94 -7.09
C4 HIO J . -6.80 -8.24 -6.68
C41 HIO J . -6.15 -7.17 -7.54
C42 HIO J . -6.30 -8.18 -5.23
C1 40E K . 6.85 7.56 13.24
O11 40E K . 7.80 7.03 12.59
O12 40E K . 6.95 7.90 14.44
C2 40E K . 5.51 7.81 12.62
O2 40E K . 4.74 8.58 13.15
N3 40E K . 5.13 7.23 11.42
C4 40E K . 5.88 6.28 10.65
C41 40E K . 6.22 6.93 9.31
C42 40E K . 4.84 5.19 10.42
C1 HIO L . 6.94 7.60 13.42
O11 HIO L . 6.82 7.71 14.66
O12 HIO L . 8.04 7.29 12.87
C2 HIO L . 5.76 8.14 12.63
O2 HIO L . 5.02 8.91 13.18
N3 HIO L . 5.23 7.50 11.47
O3 HIO L . 3.92 7.83 11.13
C4 HIO L . 5.82 6.33 10.87
C41 HIO L . 6.55 6.76 9.59
C42 HIO L . 4.72 5.33 10.54
MG MG M . 3.00 9.37 12.31
MG MG N . 5.11 8.62 15.28
C1 GOL O . 7.12 9.04 -3.12
O1 GOL O . 7.77 8.67 -4.30
C2 GOL O . 5.93 8.09 -2.90
O2 GOL O . 6.44 6.78 -2.63
C3 GOL O . 5.04 8.13 -4.14
O3 GOL O . 4.27 9.32 -4.02
C1 EDO P . 20.27 10.70 4.31
O1 EDO P . 20.40 11.74 5.23
C2 EDO P . 18.92 10.06 4.55
O2 EDO P . 18.81 8.94 3.71
C1 EDO Q . -9.48 11.53 25.75
O1 EDO Q . -9.71 10.41 26.58
C2 EDO Q . -10.34 11.32 24.51
O2 EDO Q . -10.00 12.30 23.56
PA NDP R . 16.07 9.65 13.81
O1A NDP R . 16.00 9.31 12.40
O2A NDP R . 16.21 8.50 14.76
O5B NDP R . 17.30 10.68 13.77
C5B NDP R . 17.63 11.11 14.93
C4B NDP R . 18.88 12.15 14.65
O4B NDP R . 19.24 12.63 15.94
C3B NDP R . 20.13 11.65 13.98
O3B NDP R . 20.68 12.72 13.12
C2B NDP R . 21.13 11.50 15.21
O2B NDP R . 22.45 11.79 14.93
C1B NDP R . 20.68 12.71 15.95
N9A NDP R . 21.02 12.66 17.32
C8A NDP R . 20.90 11.61 18.15
N7A NDP R . 21.33 11.87 19.37
C5A NDP R . 21.75 13.20 19.31
C6A NDP R . 22.30 14.08 20.26
N6A NDP R . 22.52 13.67 21.54
N1A NDP R . 22.63 15.36 19.93
C2A NDP R . 22.43 15.77 18.61
N3A NDP R . 21.91 14.98 17.64
C4A NDP R . 21.60 13.70 18.04
O3 NDP R . 14.82 10.57 14.28
PN NDP R . 13.39 10.63 13.45
O1N NDP R . 13.59 11.51 12.27
O2N NDP R . 12.82 9.25 13.30
O5D NDP R . 12.49 11.32 14.56
C5D NDP R . 12.60 12.77 14.79
C4D NDP R . 11.25 13.28 15.26
O4D NDP R . 10.29 13.18 14.21
C3D NDP R . 10.62 12.49 16.46
O3D NDP R . 9.95 13.46 17.27
C2D NDP R . 9.67 11.62 15.72
O2D NDP R . 8.54 11.17 16.51
C1D NDP R . 9.13 12.50 14.63
N1N NDP R . 8.58 11.82 13.52
C2N NDP R . 9.32 10.87 12.81
C3N NDP R . 8.77 10.28 11.71
C7N NDP R . 9.56 9.44 10.85
O7N NDP R . 9.27 9.31 9.63
N7N NDP R . 10.67 8.82 11.27
C4N NDP R . 7.34 10.56 11.26
C5N NDP R . 6.90 11.88 11.77
C6N NDP R . 7.43 12.45 12.85
P2B NDP R . 23.61 10.55 14.89
O1X NDP R . 24.77 11.32 15.41
O2X NDP R . 23.71 10.17 13.41
O3X NDP R . 23.05 9.48 15.79
#